data_3PQ1
#
_entry.id   3PQ1
#
_cell.length_a   68.680
_cell.length_b   76.880
_cell.length_c   87.630
_cell.angle_alpha   90.00
_cell.angle_beta   103.39
_cell.angle_gamma   90.00
#
_symmetry.space_group_name_H-M   'P 1 21 1'
#
_entity_poly.entity_id   1
_entity_poly.type   'polypeptide(L)'
_entity_poly.pdbx_seq_one_letter_code
;(MSE)GSSHHHHHHSSGLVPRGSH(MSE)EQPSGSVETGFEDKIPKRRFSE(MSE)QNERREQAQRTVLIHCPEKISENK
FLKYLSQFGPINNHFFYESFGLYAVVEFCQKESIGSLQNGTHTP(UNK)(UNK)(UNK)(UNK)(UNK)(UNK)(UNK)S
NKQLFELLCYAESIDDQLNTLLKEFQLTEENTKLRYLTCSLIED(MSE)AAAYFPDCIVRPFGSSVNTFGKLGCDLD
(MSE)FLDLDETRNLSAHKISGNFL(MSE)EFQVKNVPSERIATQKILSVLGECLDHFGPGCVGVQKILNARCPLVRFSH
QASGFQCALTTNNRIALTSSELLYIYGALDSRVRALVFSVRCWARAHSLTSSIPGAWITNFSLT(MSE)(MSE)VIFFLQ
RRSPPILPTLDSLKTLADAEDKCVIEGNNCTFVRDLSRIKPSQNTETLELLLKEFFEYFGNFA(UNK)(UNK)(UNK)
(UNK)(UNK)(UNK)(UNK)(UNK)(UNK)(UNK)(UNK)(UNK)(UNK)(UNK)(UNK)VSQSQLQKFVDLARESAWIL
QQEDTDRPSISSNRPWGLVSLLLPSAPNR
;
_entity_poly.pdbx_strand_id   A,B
#
# COMPACT_ATOMS: atom_id res chain seq x y z
N ARG A 40 -10.61 26.87 -17.07
CA ARG A 40 -11.01 27.31 -15.73
C ARG A 40 -11.62 26.20 -14.88
N PHE A 41 -11.64 24.97 -15.38
CA PHE A 41 -12.00 23.81 -14.54
C PHE A 41 -10.75 23.04 -14.16
N SER A 42 -9.98 22.60 -15.14
CA SER A 42 -8.77 21.87 -14.84
C SER A 42 -7.97 22.75 -13.89
N GLU A 43 -7.99 24.04 -14.18
CA GLU A 43 -7.32 25.06 -13.38
C GLU A 43 -7.80 25.12 -11.92
N MSE A 44 -9.08 25.36 -11.72
CA MSE A 44 -9.69 25.38 -10.40
C MSE A 44 -9.33 24.15 -9.57
O MSE A 44 -8.98 24.27 -8.40
CB MSE A 44 -11.20 25.50 -10.54
CG MSE A 44 -11.98 25.39 -9.24
SE MSE A 44 -12.59 23.58 -8.96
CE MSE A 44 -13.79 23.45 -10.48
N GLN A 45 -9.40 22.97 -10.17
CA GLN A 45 -9.07 21.73 -9.45
C GLN A 45 -7.64 21.67 -8.91
N ASN A 46 -6.70 22.33 -9.58
CA ASN A 46 -5.31 22.28 -9.17
C ASN A 46 -4.98 23.21 -8.02
N GLU A 47 -5.61 24.39 -8.00
CA GLU A 47 -5.42 25.36 -6.92
C GLU A 47 -6.04 24.78 -5.65
N ARG A 48 -7.09 23.99 -5.84
CA ARG A 48 -7.84 23.40 -4.75
C ARG A 48 -7.07 22.23 -4.17
N ARG A 49 -6.35 21.53 -5.04
CA ARG A 49 -5.54 20.38 -4.69
C ARG A 49 -4.29 20.88 -4.00
N GLU A 50 -3.54 21.74 -4.68
CA GLU A 50 -2.40 22.39 -4.04
C GLU A 50 -2.81 22.94 -2.69
N GLN A 51 -4.08 23.36 -2.59
CA GLN A 51 -4.64 23.96 -1.38
C GLN A 51 -4.66 22.96 -0.21
N ALA A 52 -5.12 21.74 -0.47
CA ALA A 52 -5.22 20.73 0.56
C ALA A 52 -3.85 20.20 0.96
N GLN A 53 -2.90 20.34 0.05
CA GLN A 53 -1.55 19.88 0.31
C GLN A 53 -0.98 20.56 1.53
N ARG A 54 -1.40 21.82 1.74
CA ARG A 54 -0.92 22.62 2.86
C ARG A 54 -1.92 22.58 3.98
N THR A 55 -2.93 21.75 3.80
CA THR A 55 -3.96 21.61 4.82
C THR A 55 -3.73 20.36 5.67
N VAL A 56 -4.07 20.46 6.95
CA VAL A 56 -3.87 19.39 7.90
C VAL A 56 -5.18 19.18 8.67
N LEU A 57 -5.54 17.94 8.96
CA LEU A 57 -6.79 17.68 9.67
C LEU A 57 -6.54 17.15 11.07
N ILE A 58 -6.91 17.93 12.08
CA ILE A 58 -6.61 17.62 13.47
C ILE A 58 -7.84 17.19 14.25
N HIS A 59 -7.71 16.16 15.07
CA HIS A 59 -8.81 15.74 15.93
C HIS A 59 -8.57 16.31 17.31
N CYS A 60 -9.64 16.70 18.00
CA CYS A 60 -9.48 17.42 19.27
C CYS A 60 -10.51 17.06 20.34
N PRO A 61 -10.25 17.47 21.60
CA PRO A 61 -11.12 17.10 22.71
C PRO A 61 -12.40 17.89 22.61
N GLU A 62 -12.41 19.07 23.21
CA GLU A 62 -13.57 19.94 23.14
C GLU A 62 -13.33 21.34 23.70
N LYS A 63 -12.19 21.94 23.38
CA LYS A 63 -11.94 23.34 23.78
C LYS A 63 -11.11 24.11 22.76
N ASN A 67 -8.41 29.84 20.79
CA ASN A 67 -7.29 30.72 20.45
C ASN A 67 -5.97 30.28 21.08
N LYS A 68 -6.03 29.61 22.23
CA LYS A 68 -4.84 28.96 22.76
C LYS A 68 -4.47 27.90 21.74
N PHE A 69 -5.48 27.46 21.00
CA PHE A 69 -5.32 26.36 20.07
C PHE A 69 -4.62 26.80 18.76
N LEU A 70 -4.96 27.98 18.27
CA LEU A 70 -4.19 28.46 17.15
C LEU A 70 -2.85 28.93 17.67
N LYS A 71 -2.86 29.56 18.84
CA LYS A 71 -1.62 30.04 19.46
C LYS A 71 -0.59 28.93 19.45
N TYR A 72 -1.08 27.73 19.71
CA TYR A 72 -0.32 26.51 19.52
C TYR A 72 0.07 26.38 18.05
N LEU A 73 -0.75 25.72 17.24
CA LEU A 73 -0.40 25.51 15.83
C LEU A 73 0.33 26.67 15.18
N SER A 74 0.11 27.88 15.67
CA SER A 74 0.71 29.02 15.03
C SER A 74 2.22 28.88 15.05
N GLN A 75 2.71 28.10 16.01
CA GLN A 75 4.16 27.97 16.25
C GLN A 75 4.84 27.13 15.19
N PHE A 76 4.08 26.68 14.20
CA PHE A 76 4.67 25.92 13.11
C PHE A 76 4.57 26.70 11.80
N GLY A 77 4.46 28.01 11.88
CA GLY A 77 4.28 28.82 10.69
C GLY A 77 2.89 29.43 10.69
N PRO A 78 2.70 30.50 9.91
CA PRO A 78 1.45 31.25 9.77
C PRO A 78 0.16 30.44 9.94
N ILE A 79 -0.71 30.39 8.92
CA ILE A 79 -2.02 29.75 9.02
C ILE A 79 -3.12 30.57 8.30
N ASN A 80 -3.44 30.20 7.07
CA ASN A 80 -4.44 30.95 6.32
C ASN A 80 -5.77 30.92 7.06
N ASN A 81 -6.74 30.21 6.50
CA ASN A 81 -7.99 29.97 7.21
C ASN A 81 -7.93 28.70 8.00
N HIS A 82 -9.05 28.40 8.64
CA HIS A 82 -9.19 27.23 9.47
C HIS A 82 -10.66 27.15 9.80
N PHE A 83 -11.13 26.00 10.26
CA PHE A 83 -12.54 25.85 10.60
C PHE A 83 -12.83 24.55 11.32
N PHE A 84 -13.91 24.57 12.10
CA PHE A 84 -14.33 23.40 12.85
C PHE A 84 -15.49 22.70 12.18
N TYR A 85 -15.82 21.54 12.71
CA TYR A 85 -16.93 20.76 12.23
C TYR A 85 -16.83 19.53 13.09
N GLU A 86 -17.86 18.71 13.10
CA GLU A 86 -17.84 17.57 13.99
C GLU A 86 -18.63 16.40 13.46
N SER A 87 -17.92 15.35 13.04
CA SER A 87 -18.55 14.13 12.55
C SER A 87 -19.16 13.41 13.72
N PHE A 88 -18.45 12.45 14.29
CA PHE A 88 -18.89 11.90 15.56
C PHE A 88 -17.93 12.30 16.69
N GLY A 89 -17.35 13.49 16.52
CA GLY A 89 -16.46 14.11 17.47
C GLY A 89 -16.08 15.45 16.88
N LEU A 90 -15.25 16.25 17.53
CA LEU A 90 -14.96 17.58 17.05
C LEU A 90 -13.62 17.67 16.37
N TYR A 91 -13.58 18.23 15.17
CA TYR A 91 -12.36 18.26 14.38
C TYR A 91 -12.03 19.63 13.92
N ALA A 92 -10.75 19.85 13.68
CA ALA A 92 -10.29 21.12 13.20
C ALA A 92 -9.73 20.90 11.82
N VAL A 93 -10.06 21.79 10.89
CA VAL A 93 -9.48 21.76 9.56
C VAL A 93 -8.64 23.00 9.33
N VAL A 94 -7.33 22.86 9.43
CA VAL A 94 -6.45 24.01 9.37
C VAL A 94 -5.60 23.98 8.12
N GLU A 95 -5.44 25.15 7.52
CA GLU A 95 -4.68 25.28 6.28
C GLU A 95 -3.57 26.29 6.45
N PHE A 96 -2.34 25.80 6.40
CA PHE A 96 -1.15 26.62 6.61
C PHE A 96 -0.82 27.48 5.39
N CYS A 97 0.15 28.37 5.58
CA CYS A 97 0.45 29.38 4.59
C CYS A 97 1.72 29.01 3.80
N SER A 101 7.29 24.24 5.72
CA SER A 101 5.86 24.32 5.58
C SER A 101 5.20 23.62 6.75
N ILE A 102 5.10 22.30 6.62
CA ILE A 102 4.11 21.49 7.32
C ILE A 102 4.79 20.26 7.83
N GLY A 103 6.00 20.03 7.35
CA GLY A 103 6.83 18.97 7.88
C GLY A 103 7.19 19.20 9.34
N SER A 104 7.30 20.47 9.73
CA SER A 104 7.71 20.82 11.08
C SER A 104 6.69 20.40 12.12
N LEU A 105 5.41 20.51 11.78
CA LEU A 105 4.35 20.11 12.67
C LEU A 105 4.41 18.61 12.93
N GLN A 106 4.60 17.83 11.87
CA GLN A 106 4.77 16.37 12.01
C GLN A 106 5.85 16.09 13.05
N ASN A 107 6.87 16.94 13.07
CA ASN A 107 7.89 16.94 14.12
C ASN A 107 7.41 17.59 15.42
N GLY A 108 6.32 17.08 15.98
CA GLY A 108 5.84 17.60 17.23
C GLY A 108 4.80 16.64 17.80
N THR A 109 5.21 15.41 18.11
CA THR A 109 4.23 14.38 18.46
C THR A 109 4.50 13.59 19.77
N HIS A 110 3.82 12.47 19.96
CA HIS A 110 4.03 11.71 21.19
C HIS A 110 4.15 10.17 21.02
N THR A 111 3.04 9.44 21.14
CA THR A 111 3.10 7.98 20.99
C THR A 111 1.77 7.34 20.55
N UNK A 113 -18.62 27.33 22.98
CA UNK A 113 -17.67 28.40 22.71
C UNK A 113 -16.94 28.26 21.37
N UNK A 114 -17.10 27.14 20.68
CA UNK A 114 -16.54 26.99 19.32
C UNK A 114 -17.63 26.83 18.26
N UNK A 115 -17.47 27.51 17.12
CA UNK A 115 -18.43 27.38 16.03
C UNK A 115 -18.12 26.23 15.04
N UNK A 116 -19.02 25.25 14.98
CA UNK A 116 -18.90 24.16 14.02
C UNK A 116 -19.53 24.55 12.67
N UNK A 117 -18.83 24.28 11.58
CA UNK A 117 -19.27 24.62 10.25
C UNK A 117 -20.00 23.44 9.62
N UNK A 118 -21.33 23.48 9.68
CA UNK A 118 -22.20 22.35 9.30
C UNK A 118 -21.91 21.74 7.91
N UNK A 119 -21.69 20.43 7.89
CA UNK A 119 -21.16 19.74 6.70
C UNK A 119 -22.08 18.59 6.29
N ASN A 121 -33.91 19.09 6.82
CA ASN A 121 -34.66 18.80 5.59
C ASN A 121 -36.05 19.41 5.64
N LYS A 122 -36.89 18.89 6.52
CA LYS A 122 -38.27 19.36 6.64
C LYS A 122 -38.31 20.82 7.05
N GLN A 123 -37.34 21.21 7.87
CA GLN A 123 -37.24 22.59 8.30
C GLN A 123 -37.06 23.50 7.11
N LEU A 124 -36.63 22.93 6.00
CA LEU A 124 -36.49 23.68 4.78
C LEU A 124 -37.87 24.02 4.23
N PHE A 125 -38.77 23.03 4.21
CA PHE A 125 -40.13 23.25 3.74
C PHE A 125 -40.66 24.52 4.38
N GLU A 126 -40.62 24.56 5.72
CA GLU A 126 -41.18 25.68 6.46
C GLU A 126 -40.44 27.00 6.30
N LEU A 127 -39.20 26.93 5.84
CA LEU A 127 -38.40 28.14 5.62
C LEU A 127 -38.67 28.80 4.26
N LEU A 128 -39.19 28.04 3.31
CA LEU A 128 -39.55 28.56 2.01
C LEU A 128 -40.83 29.39 2.08
N CYS A 129 -41.72 29.04 3.01
CA CYS A 129 -42.98 29.72 3.16
C CYS A 129 -42.83 31.15 3.71
N TYR A 130 -41.59 31.57 3.92
CA TYR A 130 -41.27 32.92 4.42
C TYR A 130 -40.43 33.71 3.42
N ALA A 131 -40.32 33.17 2.20
CA ALA A 131 -39.65 33.86 1.11
C ALA A 131 -40.70 34.63 0.31
N GLU A 132 -40.26 35.60 -0.49
CA GLU A 132 -41.22 36.55 -1.07
C GLU A 132 -41.59 36.31 -2.53
N SER A 133 -41.24 35.14 -3.04
CA SER A 133 -41.62 34.76 -4.41
C SER A 133 -41.19 33.34 -4.69
N ILE A 134 -41.77 32.73 -5.70
CA ILE A 134 -41.39 31.37 -6.06
C ILE A 134 -39.93 31.35 -6.47
N ASP A 135 -39.49 32.45 -7.09
CA ASP A 135 -38.09 32.62 -7.49
C ASP A 135 -37.13 32.80 -6.31
N ASP A 136 -37.65 33.24 -5.17
CA ASP A 136 -36.80 33.34 -3.99
C ASP A 136 -36.81 32.01 -3.29
N GLN A 137 -37.68 31.11 -3.75
CA GLN A 137 -37.77 29.81 -3.13
C GLN A 137 -36.71 28.90 -3.70
N LEU A 138 -36.64 28.83 -5.02
CA LEU A 138 -35.65 27.99 -5.65
C LEU A 138 -34.24 28.39 -5.21
N ASN A 139 -34.04 29.69 -4.97
CA ASN A 139 -32.74 30.20 -4.57
C ASN A 139 -32.41 30.01 -3.09
N THR A 140 -33.41 29.68 -2.29
CA THR A 140 -33.13 29.34 -0.93
C THR A 140 -32.86 27.85 -0.87
N LEU A 141 -33.73 27.06 -1.49
CA LEU A 141 -33.54 25.63 -1.55
C LEU A 141 -32.16 25.29 -2.09
N LEU A 142 -31.63 26.16 -2.94
CA LEU A 142 -30.34 25.92 -3.57
C LEU A 142 -29.19 26.28 -2.65
N LYS A 143 -29.39 27.31 -1.85
CA LYS A 143 -28.38 27.78 -0.90
C LYS A 143 -28.26 26.82 0.27
N GLU A 144 -29.38 26.23 0.66
CA GLU A 144 -29.41 25.39 1.84
C GLU A 144 -28.87 24.00 1.52
N PHE A 145 -28.98 23.61 0.24
CA PHE A 145 -28.62 22.24 -0.17
C PHE A 145 -27.22 22.16 -0.78
N GLN A 146 -26.81 23.20 -1.48
CA GLN A 146 -25.55 23.20 -2.17
C GLN A 146 -24.39 23.11 -1.20
N LEU A 147 -23.23 22.66 -1.70
CA LEU A 147 -22.03 22.50 -0.88
C LEU A 147 -21.40 23.83 -0.51
N THR A 148 -20.80 23.84 0.67
CA THR A 148 -20.22 25.04 1.20
C THR A 148 -18.70 24.95 1.23
N GLU A 149 -18.05 25.95 0.64
CA GLU A 149 -16.61 26.14 0.75
C GLU A 149 -15.93 25.24 1.76
N GLU A 150 -16.35 25.34 3.03
CA GLU A 150 -15.89 24.45 4.10
C GLU A 150 -15.91 22.99 3.66
N ASN A 151 -17.10 22.43 3.54
CA ASN A 151 -17.29 21.09 3.01
C ASN A 151 -16.49 20.86 1.71
N THR A 152 -16.57 21.79 0.75
CA THR A 152 -15.89 21.56 -0.51
C THR A 152 -14.41 21.35 -0.28
N LYS A 153 -13.85 22.09 0.65
CA LYS A 153 -12.41 22.04 0.86
C LYS A 153 -12.06 20.91 1.83
N LEU A 154 -13.08 20.37 2.45
CA LEU A 154 -12.92 19.24 3.33
C LEU A 154 -12.90 17.95 2.54
N ARG A 155 -13.64 17.87 1.44
CA ARG A 155 -13.55 16.66 0.61
C ARG A 155 -12.41 16.71 -0.39
N TYR A 156 -11.82 17.88 -0.56
CA TYR A 156 -10.60 17.97 -1.33
C TYR A 156 -9.39 17.56 -0.49
N LEU A 157 -9.51 17.65 0.83
CA LEU A 157 -8.42 17.28 1.73
C LEU A 157 -8.41 15.78 1.93
N THR A 158 -9.58 15.21 2.14
CA THR A 158 -9.77 13.76 2.18
C THR A 158 -9.12 13.11 0.95
N CYS A 159 -9.40 13.64 -0.23
CA CYS A 159 -8.73 13.15 -1.42
C CYS A 159 -7.20 13.20 -1.30
N SER A 160 -6.68 14.25 -0.67
CA SER A 160 -5.26 14.41 -0.40
C SER A 160 -4.72 13.35 0.59
N LEU A 161 -5.43 13.09 1.68
CA LEU A 161 -5.02 12.03 2.56
C LEU A 161 -4.99 10.69 1.84
N ILE A 162 -6.02 10.39 1.05
CA ILE A 162 -5.92 9.20 0.21
C ILE A 162 -4.73 9.32 -0.74
N GLU A 163 -4.75 10.27 -1.66
CA GLU A 163 -3.63 10.46 -2.57
C GLU A 163 -2.29 10.23 -1.88
N ASP A 164 -2.22 10.51 -0.59
CA ASP A 164 -1.01 10.30 0.19
C ASP A 164 -0.72 8.81 0.32
N MSE A 165 -1.75 8.03 0.61
CA MSE A 165 -1.64 6.57 0.77
C MSE A 165 -1.33 5.80 -0.51
O MSE A 165 -0.80 4.70 -0.47
CB MSE A 165 -2.91 5.98 1.39
CG MSE A 165 -3.33 6.63 2.68
SE MSE A 165 -4.99 5.93 3.43
CE MSE A 165 -5.35 7.40 4.69
N ALA A 166 -1.69 6.38 -1.64
CA ALA A 166 -1.43 5.77 -2.92
C ALA A 166 -0.18 6.32 -3.58
N ALA A 167 0.39 7.38 -3.01
CA ALA A 167 1.63 7.94 -3.53
C ALA A 167 2.83 7.22 -2.91
N ALA A 168 2.54 6.32 -1.98
CA ALA A 168 3.51 5.37 -1.51
C ALA A 168 3.92 4.44 -2.67
N TYR A 169 2.94 3.69 -3.18
CA TYR A 169 3.12 2.79 -4.31
C TYR A 169 3.43 3.51 -5.61
N PHE A 170 2.63 4.52 -5.90
CA PHE A 170 2.71 5.21 -7.18
C PHE A 170 3.05 6.67 -6.93
N PRO A 171 4.35 7.00 -7.01
CA PRO A 171 4.89 8.30 -6.66
C PRO A 171 3.99 9.44 -7.10
N ASP A 172 4.21 9.93 -8.31
CA ASP A 172 3.50 11.12 -8.77
C ASP A 172 2.09 10.81 -9.24
N CYS A 173 1.27 10.34 -8.31
CA CYS A 173 -0.11 10.02 -8.63
C CYS A 173 -1.02 11.10 -8.09
N ILE A 174 -2.13 11.34 -8.79
CA ILE A 174 -3.14 12.25 -8.28
C ILE A 174 -4.47 11.56 -8.04
N VAL A 175 -5.07 11.85 -6.89
CA VAL A 175 -6.44 11.43 -6.61
C VAL A 175 -7.35 12.65 -6.53
N ARG A 176 -8.14 12.90 -7.58
CA ARG A 176 -9.01 14.08 -7.59
C ARG A 176 -10.46 13.69 -7.48
N PRO A 177 -11.29 14.54 -6.84
CA PRO A 177 -12.68 14.13 -6.64
C PRO A 177 -13.43 14.38 -7.93
N PHE A 178 -14.58 13.77 -8.06
CA PHE A 178 -15.34 14.00 -9.28
C PHE A 178 -16.83 13.84 -9.00
N GLY A 179 -17.62 14.03 -10.06
CA GLY A 179 -19.06 13.86 -9.95
C GLY A 179 -19.72 14.92 -9.09
N SER A 180 -20.71 14.50 -8.31
CA SER A 180 -21.55 15.41 -7.56
C SER A 180 -20.78 16.23 -6.53
N SER A 181 -19.48 16.04 -6.45
CA SER A 181 -18.69 16.80 -5.48
C SER A 181 -17.94 17.93 -6.15
N VAL A 182 -17.95 17.95 -7.48
CA VAL A 182 -17.15 18.92 -8.20
C VAL A 182 -17.89 19.78 -9.23
N ASN A 183 -18.92 19.23 -9.90
CA ASN A 183 -19.65 20.08 -10.85
C ASN A 183 -20.22 21.29 -10.12
N THR A 184 -21.53 21.40 -10.05
CA THR A 184 -22.07 22.46 -9.22
C THR A 184 -23.38 22.02 -8.64
N PHE A 185 -23.71 20.76 -8.92
CA PHE A 185 -24.98 20.20 -8.55
C PHE A 185 -24.81 19.27 -7.38
N GLY A 186 -23.76 19.50 -6.63
CA GLY A 186 -23.50 18.71 -5.46
C GLY A 186 -24.31 19.23 -4.31
N LYS A 187 -25.03 18.33 -3.65
CA LYS A 187 -25.80 18.62 -2.45
C LYS A 187 -25.04 18.21 -1.19
N LEU A 188 -25.20 18.97 -0.12
CA LEU A 188 -24.55 18.62 1.13
C LEU A 188 -24.90 17.21 1.55
N GLY A 189 -23.88 16.53 2.05
CA GLY A 189 -24.03 15.21 2.62
C GLY A 189 -24.13 14.16 1.55
N CYS A 190 -23.41 14.35 0.46
CA CYS A 190 -23.41 13.35 -0.60
C CYS A 190 -22.06 12.58 -0.76
N ASP A 191 -22.01 11.72 -1.77
CA ASP A 191 -20.88 10.83 -1.95
C ASP A 191 -19.70 11.56 -2.53
N LEU A 192 -18.54 11.29 -1.95
CA LEU A 192 -17.32 11.86 -2.46
C LEU A 192 -16.73 10.79 -3.33
N ASP A 193 -16.81 10.98 -4.64
CA ASP A 193 -16.24 10.02 -5.58
C ASP A 193 -14.86 10.50 -5.98
N MSE A 194 -13.89 9.58 -5.99
CA MSE A 194 -12.51 9.93 -6.26
C MSE A 194 -11.95 9.08 -7.39
O MSE A 194 -12.30 7.91 -7.53
CB MSE A 194 -11.67 9.75 -5.01
CG MSE A 194 -12.26 10.36 -3.77
SE MSE A 194 -11.41 9.67 -2.20
CE MSE A 194 -12.66 10.18 -0.83
N PHE A 195 -11.07 9.69 -8.19
CA PHE A 195 -10.46 9.05 -9.34
C PHE A 195 -8.93 9.13 -9.26
N LEU A 196 -8.28 7.97 -9.13
CA LEU A 196 -6.82 7.86 -9.00
C LEU A 196 -6.16 7.81 -10.36
N ASP A 197 -5.46 8.89 -10.71
CA ASP A 197 -4.83 9.06 -12.02
C ASP A 197 -3.37 8.65 -11.95
N LEU A 198 -2.91 7.84 -12.90
CA LEU A 198 -1.54 7.29 -12.85
C LEU A 198 -0.68 7.60 -14.08
N ASP A 199 -0.37 8.88 -14.31
CA ASP A 199 0.39 9.26 -15.50
C ASP A 199 1.58 10.17 -15.21
N SER A 205 8.08 1.19 -10.13
CA SER A 205 9.41 1.73 -10.40
C SER A 205 10.48 1.42 -9.32
N ALA A 206 11.38 0.48 -9.61
CA ALA A 206 12.40 0.07 -8.63
C ALA A 206 13.85 0.30 -9.09
N HIS A 207 14.79 -0.16 -8.28
CA HIS A 207 16.17 -0.34 -8.74
C HIS A 207 16.10 -1.35 -9.89
N LYS A 208 15.27 -2.36 -9.70
CA LYS A 208 15.22 -3.56 -10.54
C LYS A 208 14.82 -3.23 -11.98
N ILE A 209 15.82 -2.95 -12.81
CA ILE A 209 15.57 -2.50 -14.16
C ILE A 209 15.63 -3.68 -15.15
N SER A 210 15.40 -3.41 -16.42
CA SER A 210 15.39 -4.46 -17.45
C SER A 210 15.80 -3.91 -18.81
N GLY A 211 16.69 -4.64 -19.50
CA GLY A 211 17.23 -4.19 -20.78
C GLY A 211 17.21 -5.26 -21.86
N MSE A 215 16.77 0.57 -21.80
CA MSE A 215 16.68 0.57 -20.34
C MSE A 215 15.25 0.86 -19.93
O MSE A 215 14.80 2.01 -20.04
CB MSE A 215 17.63 1.63 -19.75
CG MSE A 215 18.34 1.29 -18.41
SE MSE A 215 19.03 -0.52 -18.03
CE MSE A 215 19.91 -0.98 -19.71
N GLU A 216 14.52 -0.15 -19.47
CA GLU A 216 13.11 -0.01 -19.10
C GLU A 216 12.88 -0.60 -17.71
N PHE A 217 12.11 0.10 -16.87
CA PHE A 217 11.73 -0.40 -15.54
C PHE A 217 11.14 -1.80 -15.58
N GLN A 218 11.05 -2.45 -14.42
CA GLN A 218 10.60 -3.83 -14.37
C GLN A 218 9.22 -3.90 -13.68
N VAL A 219 8.23 -4.36 -14.44
CA VAL A 219 6.85 -4.35 -13.93
C VAL A 219 6.25 -5.73 -13.99
N LYS A 220 5.02 -5.85 -13.48
CA LYS A 220 4.28 -7.10 -13.55
C LYS A 220 3.42 -7.06 -14.82
N ASN A 221 3.59 -8.05 -15.70
CA ASN A 221 2.94 -7.99 -17.02
C ASN A 221 1.44 -7.74 -16.94
N VAL A 222 0.99 -6.75 -17.72
CA VAL A 222 -0.41 -6.31 -17.74
C VAL A 222 -1.24 -7.11 -18.75
N PRO A 223 -2.00 -8.12 -18.27
CA PRO A 223 -2.90 -8.90 -19.15
C PRO A 223 -3.93 -8.00 -19.84
N SER A 224 -4.98 -7.58 -19.13
CA SER A 224 -5.87 -6.52 -19.58
C SER A 224 -5.80 -5.32 -18.64
N GLU A 225 -6.10 -4.12 -19.14
CA GLU A 225 -6.09 -2.91 -18.32
C GLU A 225 -7.23 -2.91 -17.32
N ARG A 226 -8.07 -3.93 -17.37
CA ARG A 226 -9.18 -4.07 -16.44
C ARG A 226 -8.76 -4.80 -15.18
N ILE A 227 -7.84 -5.75 -15.36
CA ILE A 227 -7.29 -6.50 -14.25
C ILE A 227 -6.30 -5.63 -13.48
N ALA A 228 -5.41 -4.98 -14.23
CA ALA A 228 -4.56 -3.95 -13.68
C ALA A 228 -5.35 -3.05 -12.74
N THR A 229 -6.56 -2.67 -13.16
CA THR A 229 -7.44 -1.88 -12.31
C THR A 229 -7.80 -2.71 -11.08
N GLN A 230 -8.42 -3.86 -11.31
CA GLN A 230 -8.87 -4.69 -10.21
C GLN A 230 -7.77 -4.98 -9.18
N LYS A 231 -6.55 -5.18 -9.65
CA LYS A 231 -5.43 -5.44 -8.77
C LYS A 231 -5.16 -4.21 -7.95
N ILE A 232 -4.77 -3.14 -8.64
CA ILE A 232 -4.54 -1.85 -8.00
C ILE A 232 -5.54 -1.52 -6.92
N LEU A 233 -6.83 -1.57 -7.26
CA LEU A 233 -7.86 -1.30 -6.28
C LEU A 233 -7.81 -2.28 -5.12
N SER A 234 -7.43 -3.52 -5.38
CA SER A 234 -7.38 -4.53 -4.30
C SER A 234 -6.30 -4.23 -3.25
N VAL A 235 -5.16 -3.73 -3.69
CA VAL A 235 -4.06 -3.46 -2.78
C VAL A 235 -4.35 -2.19 -1.99
N LEU A 236 -4.62 -1.10 -2.71
CA LEU A 236 -5.08 0.12 -2.09
C LEU A 236 -6.17 -0.22 -1.10
N GLY A 237 -7.16 -0.96 -1.56
CA GLY A 237 -8.23 -1.43 -0.71
C GLY A 237 -7.74 -2.17 0.52
N GLU A 238 -6.76 -3.04 0.33
CA GLU A 238 -6.22 -3.80 1.46
C GLU A 238 -5.54 -2.88 2.44
N CYS A 239 -4.85 -1.85 1.92
CA CYS A 239 -4.09 -0.90 2.71
C CYS A 239 -4.97 0.06 3.53
N LEU A 240 -6.02 0.60 2.89
CA LEU A 240 -6.99 1.46 3.57
C LEU A 240 -7.61 0.79 4.78
N ASP A 241 -8.09 -0.42 4.57
CA ASP A 241 -8.75 -1.21 5.62
C ASP A 241 -7.90 -1.45 6.87
N HIS A 242 -6.71 -2.01 6.70
CA HIS A 242 -5.84 -2.39 7.82
C HIS A 242 -5.08 -1.23 8.44
N PHE A 243 -4.22 -0.56 7.68
CA PHE A 243 -3.51 0.59 8.27
C PHE A 243 -3.68 1.89 7.51
N GLY A 244 -4.77 2.58 7.81
CA GLY A 244 -5.15 3.81 7.15
C GLY A 244 -6.18 4.47 8.02
N PRO A 245 -5.77 5.49 8.76
CA PRO A 245 -6.59 6.06 9.83
C PRO A 245 -7.96 6.50 9.33
N GLY A 246 -9.00 6.13 10.08
CA GLY A 246 -10.34 6.62 9.83
C GLY A 246 -11.08 5.70 8.88
N CYS A 247 -10.36 5.20 7.88
CA CYS A 247 -10.96 4.45 6.76
C CYS A 247 -11.59 3.13 7.18
N VAL A 248 -12.90 3.14 7.36
CA VAL A 248 -13.62 1.97 7.82
C VAL A 248 -14.64 1.51 6.81
N GLY A 249 -15.49 0.58 7.21
CA GLY A 249 -16.53 0.10 6.32
C GLY A 249 -16.08 -0.03 4.88
N VAL A 250 -14.87 -0.58 4.70
CA VAL A 250 -14.32 -0.71 3.37
C VAL A 250 -14.94 -1.91 2.69
N GLN A 251 -15.07 -1.85 1.36
CA GLN A 251 -15.62 -2.97 0.60
C GLN A 251 -15.29 -2.88 -0.89
N LYS A 252 -14.77 -3.99 -1.42
CA LYS A 252 -14.30 -4.08 -2.79
C LYS A 252 -15.42 -4.48 -3.74
N ILE A 253 -15.49 -3.77 -4.87
CA ILE A 253 -16.49 -4.04 -5.91
C ILE A 253 -15.76 -4.02 -7.27
N LEU A 254 -15.05 -5.10 -7.54
CA LEU A 254 -14.10 -5.14 -8.65
C LEU A 254 -14.68 -5.75 -9.91
N ASN A 255 -15.92 -6.16 -9.81
CA ASN A 255 -16.60 -6.82 -10.91
C ASN A 255 -17.57 -5.97 -11.76
N ALA A 256 -18.16 -4.94 -11.16
CA ALA A 256 -18.92 -3.95 -11.93
C ALA A 256 -18.10 -3.50 -13.14
N ARG A 257 -18.76 -2.91 -14.13
CA ARG A 257 -18.05 -2.43 -15.29
C ARG A 257 -17.07 -1.29 -14.98
N CYS A 258 -17.37 -0.46 -14.00
CA CYS A 258 -16.38 0.47 -13.44
C CYS A 258 -16.02 -0.09 -12.08
N PRO A 259 -14.89 -0.77 -11.98
CA PRO A 259 -14.46 -1.37 -10.73
C PRO A 259 -14.20 -0.30 -9.73
N LEU A 260 -14.73 -0.47 -8.52
CA LEU A 260 -14.47 0.49 -7.45
C LEU A 260 -14.33 -0.14 -6.08
N VAL A 261 -13.92 0.67 -5.10
CA VAL A 261 -13.73 0.26 -3.73
C VAL A 261 -14.37 1.37 -2.97
N ARG A 262 -15.33 1.04 -2.12
CA ARG A 262 -15.95 2.06 -1.29
C ARG A 262 -15.60 1.91 0.16
N PHE A 263 -15.37 3.03 0.83
CA PHE A 263 -15.22 2.99 2.26
C PHE A 263 -15.98 4.12 2.93
N SER A 264 -15.57 4.44 4.15
CA SER A 264 -16.11 5.57 4.89
C SER A 264 -14.99 6.22 5.68
N HIS A 265 -14.93 7.55 5.67
CA HIS A 265 -13.93 8.24 6.45
C HIS A 265 -14.59 8.72 7.74
N GLN A 266 -14.19 8.20 8.89
CA GLN A 266 -14.79 8.62 10.14
C GLN A 266 -14.61 10.11 10.36
N ALA A 267 -13.41 10.62 10.15
CA ALA A 267 -13.10 11.99 10.50
C ALA A 267 -13.95 13.02 9.78
N SER A 268 -14.80 12.58 8.85
CA SER A 268 -15.52 13.51 7.99
C SER A 268 -16.93 13.07 7.61
N GLY A 269 -17.24 11.80 7.84
CA GLY A 269 -18.56 11.28 7.54
C GLY A 269 -18.86 11.10 6.06
N PHE A 270 -17.87 11.30 5.21
CA PHE A 270 -18.03 11.08 3.79
C PHE A 270 -18.15 9.61 3.43
N GLN A 271 -19.13 9.30 2.62
CA GLN A 271 -19.21 8.01 2.00
C GLN A 271 -18.34 8.15 0.74
N CYS A 272 -17.13 7.59 0.77
CA CYS A 272 -16.25 7.71 -0.38
C CYS A 272 -16.27 6.49 -1.29
N ALA A 273 -15.62 6.64 -2.44
CA ALA A 273 -15.60 5.65 -3.50
C ALA A 273 -14.45 6.00 -4.41
N LEU A 274 -13.59 5.02 -4.67
CA LEU A 274 -12.38 5.23 -5.46
C LEU A 274 -12.40 4.37 -6.71
N THR A 275 -11.95 4.92 -7.84
CA THR A 275 -11.82 4.16 -9.09
C THR A 275 -10.52 4.59 -9.74
N THR A 276 -10.08 3.90 -10.79
CA THR A 276 -8.72 4.14 -11.26
C THR A 276 -8.60 4.57 -12.70
N ASN A 277 -9.12 3.77 -13.63
CA ASN A 277 -8.93 4.09 -15.04
C ASN A 277 -10.21 4.49 -15.71
N ASN A 278 -10.37 5.81 -15.85
CA ASN A 278 -11.55 6.41 -16.46
C ASN A 278 -11.50 7.95 -16.37
N ARG A 279 -10.94 8.59 -17.40
CA ARG A 279 -10.89 10.04 -17.45
C ARG A 279 -12.23 10.57 -17.97
N ILE A 280 -13.19 9.66 -18.10
CA ILE A 280 -14.53 9.98 -18.60
C ILE A 280 -15.39 10.73 -17.57
N ALA A 281 -15.11 10.49 -16.29
CA ALA A 281 -15.85 11.09 -15.20
C ALA A 281 -15.37 12.51 -14.97
N LEU A 282 -14.08 12.74 -15.18
CA LEU A 282 -13.56 14.10 -15.12
C LEU A 282 -13.96 14.89 -16.35
N THR A 283 -14.51 14.18 -17.33
CA THR A 283 -14.97 14.82 -18.54
C THR A 283 -16.48 15.03 -18.47
N SER A 284 -17.19 14.10 -17.83
CA SER A 284 -18.60 14.33 -17.51
C SER A 284 -18.76 15.51 -16.56
N SER A 285 -17.89 15.59 -15.56
CA SER A 285 -17.99 16.57 -14.49
C SER A 285 -17.59 18.00 -14.89
N GLU A 286 -16.87 18.13 -16.00
CA GLU A 286 -16.46 19.42 -16.52
C GLU A 286 -17.60 19.94 -17.38
N LEU A 287 -18.28 19.05 -18.08
CA LEU A 287 -19.45 19.49 -18.81
C LEU A 287 -20.35 20.22 -17.83
N LEU A 288 -21.07 19.47 -17.00
CA LEU A 288 -21.99 20.07 -16.05
C LEU A 288 -21.38 21.27 -15.37
N TYR A 289 -20.09 21.20 -15.06
CA TYR A 289 -19.45 22.34 -14.41
C TYR A 289 -19.72 23.61 -15.15
N ILE A 290 -19.29 23.60 -16.40
CA ILE A 290 -19.53 24.68 -17.34
C ILE A 290 -21.01 25.00 -17.51
N TYR A 291 -21.89 24.02 -17.30
CA TYR A 291 -23.31 24.33 -17.34
C TYR A 291 -23.73 25.05 -16.07
N GLY A 292 -23.46 24.47 -14.91
CA GLY A 292 -23.84 25.12 -13.66
C GLY A 292 -23.30 26.54 -13.50
N ALA A 293 -22.17 26.81 -14.14
CA ALA A 293 -21.49 28.07 -13.94
C ALA A 293 -21.78 28.96 -15.12
N LEU A 294 -22.42 28.39 -16.12
CA LEU A 294 -22.71 29.16 -17.32
C LEU A 294 -23.87 30.08 -17.04
N ASP A 295 -24.73 29.69 -16.10
CA ASP A 295 -25.87 30.51 -15.72
C ASP A 295 -26.55 30.08 -14.44
N SER A 296 -26.80 31.06 -13.59
CA SER A 296 -27.28 30.81 -12.24
C SER A 296 -28.40 29.78 -12.20
N ARG A 297 -29.42 30.02 -13.03
CA ARG A 297 -30.66 29.27 -13.01
C ARG A 297 -30.51 27.76 -13.19
N VAL A 298 -29.53 27.36 -13.99
CA VAL A 298 -29.29 25.94 -14.19
C VAL A 298 -29.16 25.23 -12.84
N ARG A 299 -28.23 25.70 -12.02
CA ARG A 299 -28.05 25.13 -10.70
C ARG A 299 -29.38 25.22 -9.97
N ALA A 300 -30.00 26.38 -10.00
CA ALA A 300 -31.27 26.57 -9.28
C ALA A 300 -32.38 25.61 -9.70
N LEU A 301 -32.39 25.26 -10.97
CA LEU A 301 -33.48 24.47 -11.52
C LEU A 301 -33.31 23.00 -11.26
N VAL A 302 -32.07 22.52 -11.30
CA VAL A 302 -31.84 21.08 -11.12
C VAL A 302 -32.01 20.71 -9.66
N PHE A 303 -31.49 21.58 -8.79
CA PHE A 303 -31.52 21.36 -7.36
C PHE A 303 -32.94 21.11 -6.89
N SER A 304 -33.90 21.78 -7.54
CA SER A 304 -35.32 21.75 -7.13
C SER A 304 -36.12 20.62 -7.79
N VAL A 305 -35.79 20.29 -9.04
CA VAL A 305 -36.46 19.18 -9.72
C VAL A 305 -35.99 17.87 -9.09
N ARG A 306 -34.73 17.83 -8.69
CA ARG A 306 -34.19 16.68 -7.97
C ARG A 306 -34.98 16.51 -6.70
N CYS A 307 -34.99 17.56 -5.89
CA CYS A 307 -35.71 17.56 -4.63
C CYS A 307 -37.15 17.14 -4.82
N TRP A 308 -37.83 17.79 -5.78
CA TRP A 308 -39.18 17.41 -6.21
C TRP A 308 -39.19 15.93 -6.47
N ALA A 309 -38.35 15.53 -7.40
CA ALA A 309 -38.15 14.13 -7.73
C ALA A 309 -38.08 13.23 -6.50
N ARG A 310 -37.08 13.43 -5.64
CA ARG A 310 -36.91 12.65 -4.41
C ARG A 310 -38.15 12.62 -3.53
N ALA A 311 -38.72 13.79 -3.26
CA ALA A 311 -39.94 13.93 -2.45
C ALA A 311 -41.02 12.87 -2.73
N HIS A 312 -41.20 12.52 -4.00
CA HIS A 312 -42.13 11.48 -4.37
C HIS A 312 -41.34 10.21 -4.70
N SER A 313 -41.94 9.03 -4.51
CA SER A 313 -41.23 7.76 -4.68
C SER A 313 -40.59 7.60 -6.06
N LEU A 314 -39.73 8.54 -6.42
CA LEU A 314 -39.16 8.63 -7.77
C LEU A 314 -37.67 8.38 -7.74
N THR A 315 -36.90 9.45 -7.59
CA THR A 315 -35.46 9.34 -7.49
C THR A 315 -35.07 8.73 -6.13
N SER A 316 -34.55 7.51 -6.16
CA SER A 316 -34.18 6.80 -4.93
C SER A 316 -32.75 6.29 -4.93
N SER A 317 -32.27 5.87 -3.75
CA SER A 317 -30.92 5.31 -3.61
C SER A 317 -30.93 3.78 -3.52
N GLY A 320 -31.03 0.77 -7.71
CA GLY A 320 -32.09 0.03 -8.40
C GLY A 320 -32.52 0.49 -9.79
N ALA A 321 -33.77 0.22 -10.15
CA ALA A 321 -34.23 0.39 -11.53
C ALA A 321 -35.39 1.36 -11.73
N TRP A 322 -35.07 2.65 -11.68
CA TRP A 322 -36.07 3.71 -11.74
C TRP A 322 -35.76 4.73 -12.81
N ILE A 323 -35.42 5.92 -12.32
CA ILE A 323 -34.92 7.02 -13.13
C ILE A 323 -33.94 7.78 -12.24
N THR A 324 -32.73 8.01 -12.73
CA THR A 324 -31.63 8.49 -11.89
C THR A 324 -31.47 10.03 -11.86
N ASN A 325 -31.01 10.54 -10.72
CA ASN A 325 -30.75 11.96 -10.56
C ASN A 325 -29.98 12.54 -11.74
N PHE A 326 -29.28 11.68 -12.48
CA PHE A 326 -28.52 12.11 -13.64
C PHE A 326 -29.42 12.21 -14.88
N SER A 327 -30.38 11.31 -14.98
CA SER A 327 -31.37 11.40 -16.03
C SER A 327 -31.99 12.78 -15.95
N LEU A 328 -32.61 13.07 -14.81
CA LEU A 328 -33.31 14.32 -14.63
C LEU A 328 -32.44 15.49 -15.04
N THR A 329 -31.39 15.75 -14.27
CA THR A 329 -30.43 16.79 -14.60
C THR A 329 -30.30 17.02 -16.10
N MSE A 330 -30.20 15.92 -16.86
CA MSE A 330 -30.05 15.99 -18.31
C MSE A 330 -31.25 16.70 -18.94
O MSE A 330 -31.12 17.78 -19.48
CB MSE A 330 -29.97 14.59 -18.89
CG MSE A 330 -28.69 13.85 -18.59
SE MSE A 330 -27.14 14.56 -19.50
CE MSE A 330 -26.52 15.81 -18.15
N MSE A 331 -32.39 16.05 -18.85
CA MSE A 331 -33.63 16.64 -19.29
C MSE A 331 -33.69 18.15 -19.00
O MSE A 331 -34.17 18.93 -19.81
CB MSE A 331 -34.79 15.95 -18.61
CG MSE A 331 -34.60 14.46 -18.48
SE MSE A 331 -36.12 13.50 -17.72
CE MSE A 331 -37.44 13.77 -19.11
N VAL A 332 -33.21 18.54 -17.83
CA VAL A 332 -33.18 19.92 -17.42
C VAL A 332 -32.17 20.73 -18.22
N ILE A 333 -30.97 20.22 -18.43
CA ILE A 333 -30.06 21.02 -19.23
C ILE A 333 -30.64 21.06 -20.62
N PHE A 334 -31.35 19.99 -20.94
CA PHE A 334 -32.02 19.87 -22.21
C PHE A 334 -33.09 20.92 -22.33
N PHE A 335 -34.16 20.73 -21.57
CA PHE A 335 -35.20 21.72 -21.44
C PHE A 335 -34.66 23.15 -21.59
N LEU A 336 -33.44 23.39 -21.09
CA LEU A 336 -32.87 24.74 -21.03
C LEU A 336 -32.27 25.19 -22.34
N GLN A 337 -31.89 24.25 -23.19
CA GLN A 337 -31.41 24.59 -24.54
C GLN A 337 -32.57 24.75 -25.51
N ARG A 338 -33.55 23.86 -25.43
CA ARG A 338 -34.75 23.95 -26.25
C ARG A 338 -35.63 25.16 -25.87
N ARG A 339 -35.05 26.34 -25.65
CA ARG A 339 -35.81 27.56 -25.38
C ARG A 339 -35.19 28.58 -26.33
N SER A 340 -34.94 29.79 -25.87
CA SER A 340 -33.73 30.46 -26.32
C SER A 340 -33.17 30.72 -25.01
N ASP A 348 -27.41 26.05 -25.03
CA ASP A 348 -26.18 25.90 -25.80
C ASP A 348 -25.79 24.44 -25.93
N SER A 349 -25.75 23.95 -27.16
CA SER A 349 -25.52 22.52 -27.41
C SER A 349 -24.12 22.05 -27.00
N LEU A 350 -24.07 20.84 -26.43
CA LEU A 350 -22.81 20.27 -25.96
C LEU A 350 -21.78 20.14 -27.08
N LYS A 351 -22.22 20.38 -28.31
CA LYS A 351 -21.28 20.43 -29.42
C LYS A 351 -20.62 21.81 -29.48
N THR A 352 -21.42 22.88 -29.51
CA THR A 352 -20.88 24.25 -29.48
C THR A 352 -20.39 24.59 -28.05
N LEU A 353 -19.69 23.65 -27.44
CA LEU A 353 -19.25 23.81 -26.07
C LEU A 353 -18.12 22.80 -25.82
N ALA A 354 -18.35 21.55 -26.18
CA ALA A 354 -17.31 20.52 -26.07
C ALA A 354 -16.17 20.89 -27.00
N ASP A 355 -16.55 21.20 -28.23
CA ASP A 355 -15.61 21.67 -29.23
C ASP A 355 -15.84 23.17 -29.37
N ALA A 356 -15.03 23.92 -28.62
CA ALA A 356 -15.07 25.38 -28.56
C ALA A 356 -14.53 25.80 -27.19
N GLU A 357 -14.80 24.97 -26.17
CA GLU A 357 -14.29 25.25 -24.83
C GLU A 357 -14.33 24.02 -23.91
N SER A 379 -26.82 35.79 -26.83
CA SER A 379 -28.06 35.10 -26.50
C SER A 379 -28.45 35.35 -25.05
N GLN A 380 -29.54 36.09 -24.86
CA GLN A 380 -30.06 36.40 -23.53
C GLN A 380 -31.42 35.75 -23.34
N ASN A 381 -31.88 35.66 -22.10
CA ASN A 381 -33.12 34.99 -21.81
C ASN A 381 -33.54 35.33 -20.40
N THR A 382 -34.50 36.25 -20.28
CA THR A 382 -34.91 36.84 -19.00
C THR A 382 -35.81 35.96 -18.15
N GLU A 383 -36.24 34.82 -18.68
CA GLU A 383 -37.21 34.00 -17.97
C GLU A 383 -36.94 33.88 -16.45
N THR A 384 -38.01 33.73 -15.67
CA THR A 384 -37.87 33.64 -14.23
C THR A 384 -37.88 32.17 -13.87
N LEU A 385 -37.33 31.84 -12.72
CA LEU A 385 -37.37 30.47 -12.23
C LEU A 385 -38.81 30.00 -12.13
N GLU A 386 -39.67 30.88 -11.65
CA GLU A 386 -41.10 30.59 -11.53
C GLU A 386 -41.61 30.07 -12.86
N LEU A 387 -41.39 30.88 -13.91
CA LEU A 387 -41.84 30.58 -15.25
C LEU A 387 -41.14 29.36 -15.79
N LEU A 388 -39.82 29.34 -15.60
CA LEU A 388 -38.99 28.27 -16.12
C LEU A 388 -39.47 26.96 -15.58
N LEU A 389 -39.67 26.91 -14.27
CA LEU A 389 -40.00 25.66 -13.58
C LEU A 389 -41.32 25.14 -14.06
N LYS A 390 -42.29 26.04 -14.15
CA LYS A 390 -43.63 25.72 -14.62
C LYS A 390 -43.58 25.17 -16.03
N GLU A 391 -42.72 25.74 -16.87
CA GLU A 391 -42.62 25.29 -18.26
C GLU A 391 -41.81 24.01 -18.40
N PHE A 392 -41.13 23.63 -17.33
CA PHE A 392 -40.41 22.36 -17.28
C PHE A 392 -41.43 21.23 -17.36
N PHE A 393 -42.37 21.22 -16.42
CA PHE A 393 -43.41 20.20 -16.34
C PHE A 393 -44.37 20.22 -17.55
N GLU A 394 -44.68 21.43 -18.03
CA GLU A 394 -45.52 21.60 -19.20
C GLU A 394 -44.88 20.97 -20.43
N TYR A 395 -43.56 21.06 -20.49
CA TYR A 395 -42.81 20.59 -21.65
C TYR A 395 -42.65 19.07 -21.65
N PHE A 396 -42.61 18.49 -20.46
CA PHE A 396 -42.47 17.04 -20.35
C PHE A 396 -43.82 16.39 -20.12
N GLY A 397 -44.87 17.10 -20.53
CA GLY A 397 -46.21 16.53 -20.54
C GLY A 397 -46.42 15.57 -21.70
N ASN A 398 -45.59 15.70 -22.73
CA ASN A 398 -45.56 14.70 -23.80
C ASN A 398 -44.12 14.19 -24.02
N PHE A 399 -43.62 13.44 -23.04
CA PHE A 399 -42.21 13.02 -23.08
C PHE A 399 -41.78 12.06 -21.92
N UNK A 401 -41.60 7.26 -28.77
CA UNK A 401 -41.57 7.75 -30.13
C UNK A 401 -40.80 9.07 -30.31
N UNK A 402 -39.71 9.23 -29.55
CA UNK A 402 -38.77 10.34 -29.70
C UNK A 402 -37.68 10.22 -28.62
N UNK A 403 -36.47 10.69 -28.92
CA UNK A 403 -35.32 10.57 -28.02
C UNK A 403 -34.95 11.96 -27.46
N UNK A 404 -33.91 12.07 -26.62
CA UNK A 404 -33.52 13.37 -26.05
C UNK A 404 -32.01 13.65 -25.93
N UNK A 405 -31.29 13.84 -27.03
CA UNK A 405 -29.86 14.21 -26.98
C UNK A 405 -29.54 15.42 -26.09
N UNK A 411 -35.50 6.38 -22.85
CA UNK A 411 -34.13 6.62 -22.43
C UNK A 411 -33.42 7.78 -23.14
N UNK A 412 -32.42 8.34 -22.46
CA UNK A 412 -31.74 9.56 -22.88
C UNK A 412 -30.33 9.21 -23.38
N UNK A 413 -29.95 9.77 -24.53
CA UNK A 413 -28.61 9.50 -25.09
C UNK A 413 -27.50 9.90 -24.12
N UNK A 414 -26.39 9.15 -24.10
CA UNK A 414 -25.26 9.46 -23.22
C UNK A 414 -24.37 10.52 -23.84
N UNK A 415 -24.38 11.73 -23.27
CA UNK A 415 -23.57 12.79 -23.85
C UNK A 415 -22.12 12.34 -23.98
N SER A 417 -38.07 1.71 -16.63
CA SER A 417 -39.34 1.10 -16.20
C SER A 417 -40.57 1.89 -16.67
N GLN A 418 -41.44 1.21 -17.43
CA GLN A 418 -42.62 1.81 -18.03
C GLN A 418 -43.56 2.45 -17.04
N SER A 419 -43.83 1.75 -15.96
CA SER A 419 -44.74 2.24 -14.94
C SER A 419 -44.20 3.53 -14.34
N GLN A 420 -42.88 3.58 -14.18
CA GLN A 420 -42.19 4.72 -13.59
C GLN A 420 -42.20 6.00 -14.43
N LEU A 421 -41.77 5.92 -15.67
CA LEU A 421 -41.78 7.10 -16.53
C LEU A 421 -43.17 7.71 -16.59
N GLN A 422 -44.21 6.88 -16.62
CA GLN A 422 -45.56 7.40 -16.64
C GLN A 422 -45.86 8.19 -15.37
N LYS A 423 -45.81 7.56 -14.20
CA LYS A 423 -45.96 8.28 -12.94
C LYS A 423 -45.07 9.53 -12.85
N PHE A 424 -44.00 9.56 -13.65
CA PHE A 424 -43.23 10.79 -13.79
C PHE A 424 -44.07 11.87 -14.48
N VAL A 425 -44.54 11.57 -15.68
CA VAL A 425 -45.35 12.54 -16.39
C VAL A 425 -46.62 12.87 -15.60
N ASP A 426 -47.22 11.87 -14.94
CA ASP A 426 -48.34 12.12 -14.05
C ASP A 426 -47.99 13.30 -13.19
N LEU A 427 -46.97 13.10 -12.36
CA LEU A 427 -46.45 14.16 -11.52
C LEU A 427 -46.17 15.41 -12.33
N ALA A 428 -45.45 15.25 -13.44
CA ALA A 428 -45.13 16.39 -14.29
C ALA A 428 -46.37 17.21 -14.61
N ARG A 429 -47.42 16.53 -15.09
CA ARG A 429 -48.67 17.18 -15.49
C ARG A 429 -49.41 17.81 -14.31
N GLU A 430 -49.39 17.15 -13.16
CA GLU A 430 -50.02 17.69 -11.95
C GLU A 430 -49.21 18.85 -11.39
N SER A 431 -47.89 18.66 -11.24
CA SER A 431 -47.02 19.73 -10.72
C SER A 431 -47.06 20.99 -11.59
N ALA A 432 -47.69 20.88 -12.76
CA ALA A 432 -47.90 22.02 -13.64
C ALA A 432 -49.14 22.82 -13.20
N TRP A 433 -50.30 22.18 -13.31
CA TRP A 433 -51.59 22.61 -12.76
C TRP A 433 -51.39 23.52 -11.55
N ILE A 434 -50.76 22.97 -10.51
CA ILE A 434 -50.60 23.67 -9.24
C ILE A 434 -50.06 25.07 -9.47
N LEU A 435 -48.99 25.17 -10.26
CA LEU A 435 -48.39 26.47 -10.57
C LEU A 435 -49.27 27.28 -11.49
N GLN A 436 -50.18 26.58 -12.18
CA GLN A 436 -51.13 27.24 -13.07
C GLN A 436 -52.12 28.07 -12.28
N GLN A 437 -52.65 27.47 -11.21
CA GLN A 437 -53.61 28.13 -10.32
C GLN A 437 -53.17 29.37 -9.56
N GLU A 438 -53.67 29.52 -8.34
CA GLU A 438 -53.46 30.72 -7.54
C GLU A 438 -53.97 30.60 -6.09
N PRO A 450 -48.05 26.00 2.92
CA PRO A 450 -47.68 25.51 1.58
C PRO A 450 -48.00 26.50 0.49
N TRP A 451 -46.99 26.94 -0.26
CA TRP A 451 -47.26 27.75 -1.45
C TRP A 451 -46.08 27.85 -2.39
N GLY A 452 -46.39 28.11 -3.66
CA GLY A 452 -45.38 28.07 -4.70
C GLY A 452 -44.72 26.71 -4.81
N LEU A 453 -43.43 26.67 -4.51
CA LEU A 453 -42.67 25.44 -4.56
C LEU A 453 -43.19 24.40 -3.56
N VAL A 454 -43.15 24.72 -2.28
CA VAL A 454 -43.55 23.78 -1.25
C VAL A 454 -44.84 23.01 -1.54
N SER A 455 -45.74 23.60 -2.32
CA SER A 455 -46.89 22.85 -2.77
C SER A 455 -46.43 21.61 -3.57
N LEU A 456 -45.31 21.75 -4.28
CA LEU A 456 -44.78 20.75 -5.18
C LEU A 456 -43.91 19.73 -4.47
N LEU A 457 -43.60 20.02 -3.21
CA LEU A 457 -42.80 19.11 -2.40
C LEU A 457 -43.64 18.51 -1.29
N LEU A 458 -44.64 17.70 -1.65
CA LEU A 458 -45.63 17.24 -0.68
C LEU A 458 -46.22 15.87 -1.06
N ARG B 40 31.72 -4.31 15.33
CA ARG B 40 32.19 -4.69 13.99
C ARG B 40 31.18 -5.52 13.21
N PHE B 41 30.01 -5.81 13.80
CA PHE B 41 28.92 -6.48 13.08
C PHE B 41 27.83 -5.50 12.67
N SER B 42 27.23 -4.81 13.64
CA SER B 42 26.31 -3.73 13.34
C SER B 42 26.97 -2.80 12.31
N GLU B 43 28.26 -2.56 12.48
CA GLU B 43 29.03 -1.70 11.57
C GLU B 43 29.10 -2.29 10.16
N MSE B 44 29.58 -3.53 10.07
CA MSE B 44 29.64 -4.24 8.80
C MSE B 44 28.32 -4.16 8.02
O MSE B 44 28.32 -3.75 6.85
CB MSE B 44 30.06 -5.69 9.05
CG MSE B 44 30.21 -6.55 7.80
SE MSE B 44 28.73 -7.80 7.57
CE MSE B 44 28.78 -8.68 9.29
N GLN B 45 27.20 -4.53 8.64
CA GLN B 45 25.91 -4.45 7.94
C GLN B 45 25.62 -3.08 7.31
N ASN B 46 25.95 -1.99 7.99
CA ASN B 46 25.63 -0.68 7.47
C ASN B 46 26.47 -0.27 6.27
N GLU B 47 27.72 -0.71 6.23
CA GLU B 47 28.56 -0.37 5.09
C GLU B 47 28.05 -1.17 3.92
N ARG B 48 27.41 -2.28 4.23
CA ARG B 48 26.97 -3.22 3.21
C ARG B 48 25.63 -2.74 2.65
N ARG B 49 24.82 -2.19 3.54
CA ARG B 49 23.50 -1.64 3.22
C ARG B 49 23.61 -0.37 2.41
N GLU B 50 24.37 0.57 2.92
CA GLU B 50 24.73 1.75 2.17
C GLU B 50 25.29 1.34 0.81
N GLN B 51 25.99 0.21 0.77
CA GLN B 51 26.59 -0.30 -0.47
C GLN B 51 25.48 -0.56 -1.51
N ALA B 52 24.47 -1.32 -1.11
CA ALA B 52 23.35 -1.67 -1.99
C ALA B 52 22.61 -0.45 -2.50
N GLN B 53 22.39 0.54 -1.63
CA GLN B 53 21.71 1.76 -2.03
C GLN B 53 22.29 2.42 -3.29
N ARG B 54 23.57 2.22 -3.56
CA ARG B 54 24.16 2.80 -4.78
C ARG B 54 24.28 1.74 -5.86
N THR B 55 23.78 0.55 -5.55
CA THR B 55 23.80 -0.55 -6.50
C THR B 55 22.46 -0.63 -7.27
N VAL B 56 22.54 -1.14 -8.50
CA VAL B 56 21.41 -1.22 -9.40
C VAL B 56 21.42 -2.56 -10.11
N LEU B 57 20.29 -3.24 -10.15
CA LEU B 57 20.23 -4.55 -10.79
C LEU B 57 19.59 -4.44 -12.18
N ILE B 58 20.34 -4.80 -13.22
CA ILE B 58 19.91 -4.64 -14.61
C ILE B 58 19.72 -5.99 -15.31
N HIS B 59 18.57 -6.17 -15.97
CA HIS B 59 18.34 -7.36 -16.83
C HIS B 59 18.79 -7.12 -18.27
N CYS B 60 19.34 -8.15 -18.91
CA CYS B 60 19.88 -7.95 -20.25
C CYS B 60 19.73 -9.15 -21.19
N PRO B 61 20.11 -8.96 -22.46
CA PRO B 61 19.88 -10.00 -23.47
C PRO B 61 20.92 -11.08 -23.30
N GLU B 62 22.01 -10.97 -24.07
CA GLU B 62 23.11 -11.93 -23.97
C GLU B 62 24.42 -11.44 -24.59
N LYS B 63 24.71 -10.15 -24.49
CA LYS B 63 26.04 -9.65 -24.81
C LYS B 63 26.39 -8.32 -24.15
N ASN B 80 32.48 2.26 -10.26
CA ASN B 80 33.26 1.26 -9.55
C ASN B 80 33.37 0.01 -10.37
N ASN B 81 33.70 -1.09 -9.71
CA ASN B 81 33.74 -2.38 -10.36
C ASN B 81 32.33 -2.87 -10.65
N HIS B 82 32.19 -3.59 -11.75
CA HIS B 82 30.90 -4.05 -12.23
C HIS B 82 30.94 -5.56 -12.32
N PHE B 83 29.87 -6.23 -11.90
CA PHE B 83 29.81 -7.67 -12.06
C PHE B 83 28.39 -8.13 -12.37
N PHE B 84 28.29 -9.03 -13.36
CA PHE B 84 27.01 -9.60 -13.77
C PHE B 84 26.96 -11.13 -13.68
N TYR B 85 25.76 -11.67 -13.51
CA TYR B 85 25.56 -13.11 -13.32
C TYR B 85 24.49 -13.69 -14.25
N GLU B 86 24.08 -14.94 -14.03
CA GLU B 86 23.13 -15.62 -14.93
C GLU B 86 21.90 -16.19 -14.19
N SER B 87 20.90 -16.66 -14.95
CA SER B 87 19.71 -17.30 -14.35
C SER B 87 18.60 -17.64 -15.38
N PHE B 88 18.07 -16.61 -16.04
CA PHE B 88 17.06 -16.75 -17.09
C PHE B 88 17.62 -15.93 -18.25
N GLY B 89 18.29 -14.86 -17.88
CA GLY B 89 19.10 -14.08 -18.79
C GLY B 89 20.38 -13.70 -18.07
N LEU B 90 20.96 -12.58 -18.49
CA LEU B 90 22.17 -12.08 -17.87
C LEU B 90 21.79 -10.85 -17.03
N TYR B 91 22.04 -10.88 -15.73
CA TYR B 91 21.72 -9.75 -14.84
C TYR B 91 22.99 -8.98 -14.46
N ALA B 92 22.91 -7.66 -14.44
CA ALA B 92 24.08 -6.85 -14.07
C ALA B 92 23.86 -6.04 -12.79
N VAL B 93 24.82 -6.18 -11.87
CA VAL B 93 24.86 -5.45 -10.61
C VAL B 93 25.78 -4.25 -10.73
N VAL B 94 25.24 -3.06 -10.59
CA VAL B 94 26.02 -1.89 -10.88
C VAL B 94 25.83 -0.84 -9.79
N GLU B 95 26.92 -0.32 -9.25
CA GLU B 95 26.84 0.66 -8.15
C GLU B 95 27.54 1.96 -8.48
N PHE B 96 26.95 3.07 -8.07
CA PHE B 96 27.59 4.37 -8.18
C PHE B 96 28.36 4.61 -6.89
N ILE B 102 20.92 6.15 -8.27
CA ILE B 102 20.35 7.44 -7.87
C ILE B 102 19.11 7.78 -8.68
N GLY B 103 18.38 8.81 -8.27
CA GLY B 103 17.18 9.23 -8.97
C GLY B 103 17.57 9.92 -10.26
N SER B 104 18.86 9.92 -10.55
CA SER B 104 19.37 10.49 -11.79
C SER B 104 18.96 9.65 -12.99
N LEU B 105 18.71 8.36 -12.76
CA LEU B 105 18.32 7.43 -13.81
C LEU B 105 16.80 7.36 -13.87
N GLN B 106 16.18 7.14 -12.72
CA GLN B 106 14.72 7.05 -12.65
C GLN B 106 14.07 8.29 -13.26
N ASN B 107 14.60 9.47 -12.94
CA ASN B 107 14.11 10.75 -13.47
C ASN B 107 14.30 10.78 -14.98
N GLY B 108 15.09 9.83 -15.49
CA GLY B 108 15.37 9.72 -16.91
C GLY B 108 16.44 8.69 -17.26
N ASN B 121 27.76 -30.46 -6.29
CA ASN B 121 27.75 -31.24 -5.05
C ASN B 121 28.63 -32.48 -5.10
N LYS B 122 28.17 -33.50 -5.81
CA LYS B 122 28.93 -34.76 -5.86
C LYS B 122 30.34 -34.52 -6.38
N GLN B 123 30.45 -33.63 -7.36
CA GLN B 123 31.74 -33.28 -7.93
C GLN B 123 32.68 -32.83 -6.82
N LEU B 124 32.09 -32.45 -5.68
CA LEU B 124 32.87 -32.04 -4.51
C LEU B 124 33.57 -33.26 -3.94
N PHE B 125 32.81 -34.32 -3.69
CA PHE B 125 33.37 -35.59 -3.19
C PHE B 125 34.68 -35.92 -3.89
N GLU B 126 34.64 -35.98 -5.22
CA GLU B 126 35.80 -36.32 -6.02
C GLU B 126 36.90 -35.25 -6.00
N LEU B 127 36.57 -34.02 -5.64
CA LEU B 127 37.56 -32.95 -5.59
C LEU B 127 38.33 -32.95 -4.27
N LEU B 128 37.81 -33.65 -3.27
CA LEU B 128 38.46 -33.77 -1.98
C LEU B 128 39.59 -34.76 -2.00
N CYS B 129 39.40 -35.82 -2.77
CA CYS B 129 40.40 -36.88 -2.90
C CYS B 129 41.70 -36.42 -3.57
N TYR B 130 41.74 -35.16 -3.98
CA TYR B 130 42.94 -34.59 -4.59
C TYR B 130 43.62 -33.60 -3.69
N ALA B 131 43.10 -33.45 -2.47
CA ALA B 131 43.70 -32.56 -1.49
C ALA B 131 44.76 -33.38 -0.73
N GLU B 132 45.69 -32.71 -0.08
CA GLU B 132 46.88 -33.39 0.45
C GLU B 132 46.81 -33.61 1.96
N SER B 133 45.61 -33.53 2.51
CA SER B 133 45.40 -33.81 3.93
C SER B 133 43.93 -33.70 4.25
N ILE B 134 43.54 -34.23 5.39
CA ILE B 134 42.16 -34.11 5.83
C ILE B 134 41.84 -32.65 6.10
N ASP B 135 42.80 -31.99 6.74
CA ASP B 135 42.75 -30.56 6.99
C ASP B 135 42.63 -29.69 5.74
N ASP B 136 43.13 -30.17 4.61
CA ASP B 136 42.99 -29.42 3.38
C ASP B 136 41.65 -29.79 2.78
N GLN B 137 41.05 -30.84 3.33
CA GLN B 137 39.77 -31.27 2.83
C GLN B 137 38.69 -30.34 3.37
N LEU B 138 38.62 -30.23 4.69
CA LEU B 138 37.63 -29.35 5.30
C LEU B 138 37.72 -27.97 4.68
N ASN B 139 38.94 -27.53 4.40
CA ASN B 139 39.13 -26.18 3.89
C ASN B 139 38.70 -26.00 2.45
N THR B 140 38.52 -27.11 1.75
CA THR B 140 38.02 -27.03 0.39
C THR B 140 36.49 -27.05 0.44
N LEU B 141 35.97 -28.02 1.19
CA LEU B 141 34.53 -28.14 1.36
C LEU B 141 33.96 -26.80 1.84
N LEU B 142 34.74 -26.07 2.61
CA LEU B 142 34.28 -24.80 3.14
C LEU B 142 34.33 -23.75 2.07
N LYS B 143 35.30 -23.89 1.17
CA LYS B 143 35.52 -22.88 0.13
C LYS B 143 34.45 -23.00 -0.92
N GLU B 144 34.05 -24.24 -1.16
CA GLU B 144 33.14 -24.51 -2.24
C GLU B 144 31.69 -24.22 -1.84
N PHE B 145 31.42 -24.29 -0.55
CA PHE B 145 30.06 -24.13 -0.06
C PHE B 145 29.76 -22.74 0.44
N GLN B 146 30.74 -22.09 1.06
CA GLN B 146 30.49 -20.80 1.71
C GLN B 146 30.12 -19.74 0.68
N LEU B 147 29.37 -18.73 1.12
CA LEU B 147 28.90 -17.69 0.22
C LEU B 147 30.08 -16.95 -0.36
N THR B 148 29.83 -16.28 -1.48
CA THR B 148 30.85 -15.48 -2.13
C THR B 148 30.42 -14.02 -2.26
N GLU B 149 31.29 -13.11 -1.82
CA GLU B 149 31.13 -11.66 -1.99
C GLU B 149 30.05 -11.25 -3.00
N GLU B 150 30.19 -11.71 -4.25
CA GLU B 150 29.18 -11.52 -5.27
C GLU B 150 27.83 -11.84 -4.66
N ASN B 151 27.55 -13.14 -4.53
CA ASN B 151 26.32 -13.60 -3.90
C ASN B 151 25.98 -12.79 -2.65
N THR B 152 26.95 -12.58 -1.76
CA THR B 152 26.68 -11.87 -0.50
C THR B 152 26.11 -10.48 -0.77
N LYS B 153 26.67 -9.79 -1.75
CA LYS B 153 26.29 -8.43 -2.00
C LYS B 153 25.03 -8.40 -2.85
N LEU B 154 24.68 -9.57 -3.37
CA LEU B 154 23.51 -9.71 -4.25
C LEU B 154 22.27 -9.95 -3.41
N ARG B 155 22.44 -10.48 -2.21
CA ARG B 155 21.28 -10.67 -1.35
C ARG B 155 21.13 -9.46 -0.45
N TYR B 156 22.13 -8.60 -0.45
CA TYR B 156 22.03 -7.34 0.30
C TYR B 156 21.27 -6.33 -0.55
N LEU B 157 21.45 -6.42 -1.87
CA LEU B 157 20.72 -5.57 -2.80
C LEU B 157 19.25 -5.97 -2.80
N THR B 158 18.99 -7.27 -2.95
CA THR B 158 17.63 -7.81 -2.84
C THR B 158 16.95 -7.20 -1.62
N CYS B 159 17.63 -7.22 -0.49
CA CYS B 159 17.06 -6.64 0.71
C CYS B 159 16.78 -5.19 0.45
N SER B 160 17.65 -4.52 -0.32
CA SER B 160 17.46 -3.10 -0.64
C SER B 160 16.22 -2.81 -1.53
N LEU B 161 16.07 -3.57 -2.62
CA LEU B 161 14.87 -3.47 -3.42
C LEU B 161 13.63 -3.65 -2.55
N ILE B 162 13.68 -4.54 -1.57
CA ILE B 162 12.49 -4.76 -0.79
C ILE B 162 12.33 -3.54 0.06
N GLU B 163 13.38 -3.21 0.81
CA GLU B 163 13.36 -2.05 1.71
C GLU B 163 12.86 -0.79 1.01
N ASP B 164 12.98 -0.76 -0.31
CA ASP B 164 12.42 0.31 -1.12
C ASP B 164 10.92 0.26 -1.11
N MSE B 165 10.37 -0.94 -1.34
CA MSE B 165 8.93 -1.17 -1.43
C MSE B 165 8.25 -0.88 -0.11
O MSE B 165 7.10 -0.43 -0.08
CB MSE B 165 8.60 -2.59 -1.91
CG MSE B 165 9.22 -2.94 -3.25
SE MSE B 165 8.96 -4.77 -3.85
CE MSE B 165 10.38 -4.89 -5.17
N ALA B 166 8.95 -1.17 1.00
CA ALA B 166 8.36 -0.97 2.31
C ALA B 166 8.58 0.45 2.86
N ALA B 167 9.44 1.21 2.20
CA ALA B 167 9.75 2.59 2.62
C ALA B 167 8.73 3.60 2.06
N ALA B 168 7.79 3.10 1.26
CA ALA B 168 6.67 3.90 0.79
C ALA B 168 5.67 4.09 1.94
N TYR B 169 5.22 2.98 2.54
CA TYR B 169 4.32 3.05 3.69
C TYR B 169 5.05 3.51 4.93
N PHE B 170 6.27 3.01 5.13
CA PHE B 170 7.05 3.30 6.33
C PHE B 170 8.40 3.93 5.98
N PRO B 171 8.46 5.27 5.97
CA PRO B 171 9.59 6.04 5.45
C PRO B 171 10.95 5.50 5.86
N ASP B 172 11.40 5.87 7.05
CA ASP B 172 12.74 5.48 7.47
C ASP B 172 12.76 4.09 8.09
N CYS B 173 12.57 3.09 7.24
CA CYS B 173 12.53 1.72 7.70
C CYS B 173 13.68 0.98 7.07
N ILE B 174 14.18 -0.01 7.81
CA ILE B 174 15.28 -0.82 7.35
C ILE B 174 14.90 -2.30 7.29
N VAL B 175 15.16 -2.91 6.14
CA VAL B 175 15.06 -4.36 6.01
C VAL B 175 16.48 -4.86 5.88
N ARG B 176 16.96 -5.60 6.85
CA ARG B 176 18.34 -6.13 6.79
C ARG B 176 18.41 -7.66 6.88
N PRO B 177 19.31 -8.30 6.11
CA PRO B 177 19.24 -9.76 6.08
C PRO B 177 19.75 -10.34 7.38
N PHE B 178 19.41 -11.59 7.63
CA PHE B 178 19.79 -12.22 8.87
C PHE B 178 19.90 -13.73 8.69
N GLY B 179 20.38 -14.41 9.72
CA GLY B 179 20.48 -15.87 9.72
C GLY B 179 21.62 -16.39 8.89
N SER B 180 21.43 -17.55 8.28
CA SER B 180 22.45 -18.14 7.43
C SER B 180 23.03 -17.20 6.34
N SER B 181 22.52 -15.99 6.20
CA SER B 181 22.99 -15.18 5.09
C SER B 181 24.02 -14.18 5.60
N VAL B 182 24.05 -14.00 6.91
CA VAL B 182 24.92 -12.98 7.48
C VAL B 182 25.95 -13.47 8.47
N ASN B 183 25.71 -14.56 9.21
CA ASN B 183 26.74 -15.03 10.11
C ASN B 183 27.97 -15.39 9.30
N THR B 184 28.38 -16.64 9.32
CA THR B 184 29.51 -17.01 8.48
C THR B 184 29.33 -18.45 8.06
N PHE B 185 28.19 -19.01 8.44
CA PHE B 185 27.91 -20.40 8.18
C PHE B 185 26.81 -20.45 7.15
N GLY B 186 26.83 -19.43 6.33
CA GLY B 186 25.99 -19.40 5.16
C GLY B 186 26.59 -20.22 4.05
N LYS B 187 25.77 -21.13 3.54
CA LYS B 187 26.12 -21.94 2.39
C LYS B 187 25.54 -21.33 1.10
N LEU B 188 26.20 -21.55 -0.03
CA LEU B 188 25.66 -21.10 -1.30
C LEU B 188 24.31 -21.71 -1.56
N GLY B 189 23.46 -20.93 -2.21
CA GLY B 189 22.15 -21.37 -2.61
C GLY B 189 21.23 -21.61 -1.45
N CYS B 190 21.20 -20.70 -0.47
CA CYS B 190 20.28 -20.84 0.64
C CYS B 190 19.23 -19.74 0.75
N ASP B 191 18.47 -19.81 1.83
CA ASP B 191 17.39 -18.88 2.09
C ASP B 191 17.90 -17.53 2.50
N LEU B 192 17.38 -16.49 1.86
CA LEU B 192 17.61 -15.11 2.33
C LEU B 192 16.47 -14.71 3.28
N ASP B 193 16.79 -14.55 4.54
CA ASP B 193 15.80 -14.18 5.53
C ASP B 193 15.95 -12.68 5.69
N MSE B 194 14.84 -11.98 5.88
CA MSE B 194 14.87 -10.53 6.00
C MSE B 194 13.98 -10.02 7.12
O MSE B 194 12.86 -10.47 7.31
CB MSE B 194 14.44 -9.86 4.70
CG MSE B 194 15.17 -10.34 3.46
SE MSE B 194 14.38 -9.55 1.87
CE MSE B 194 14.89 -10.95 0.60
N PHE B 195 14.51 -9.05 7.84
CA PHE B 195 13.84 -8.54 9.02
C PHE B 195 13.57 -7.05 8.86
N LEU B 196 12.29 -6.69 8.81
CA LEU B 196 11.85 -5.34 8.56
C LEU B 196 11.75 -4.52 9.87
N ASP B 197 12.70 -3.61 10.08
CA ASP B 197 12.81 -2.85 11.33
C ASP B 197 12.05 -1.53 11.20
N LEU B 198 11.20 -1.22 12.18
CA LEU B 198 10.36 -0.01 12.12
C LEU B 198 10.57 1.03 13.25
N ASP B 199 11.77 1.61 13.35
CA ASP B 199 12.12 2.51 14.45
C ASP B 199 12.72 3.85 14.02
N ASN B 203 4.11 2.91 12.42
CA ASN B 203 2.98 2.92 11.49
C ASN B 203 2.88 4.15 10.59
N LEU B 204 1.65 4.58 10.32
CA LEU B 204 1.43 5.62 9.32
C LEU B 204 1.60 7.05 9.87
N SER B 205 2.10 7.95 9.03
CA SER B 205 2.34 9.35 9.40
C SER B 205 1.79 10.28 8.32
N ALA B 206 0.63 10.88 8.58
CA ALA B 206 -0.05 11.64 7.55
C ALA B 206 -0.19 13.09 7.95
N HIS B 207 -0.90 13.86 7.12
CA HIS B 207 -1.36 15.20 7.42
C HIS B 207 -2.27 15.09 8.63
N LYS B 208 -2.95 13.96 8.70
CA LYS B 208 -4.04 13.72 9.62
C LYS B 208 -3.61 13.52 11.08
N ILE B 209 -3.51 14.61 11.81
CA ILE B 209 -2.91 14.58 13.15
C ILE B 209 -3.98 14.40 14.25
N SER B 210 -3.58 14.43 15.51
CA SER B 210 -4.55 14.30 16.60
C SER B 210 -4.07 14.85 17.94
N GLY B 211 -4.90 15.67 18.57
CA GLY B 211 -4.47 16.38 19.76
C GLY B 211 -5.34 16.10 20.97
N LEU B 214 0.54 19.09 22.77
CA LEU B 214 0.49 17.64 22.67
C LEU B 214 -0.01 17.09 21.33
N MSE B 215 0.71 17.37 20.26
CA MSE B 215 0.32 16.94 18.91
C MSE B 215 0.80 15.51 18.73
O MSE B 215 1.95 15.24 19.00
CB MSE B 215 1.08 17.76 17.87
CG MSE B 215 0.35 18.84 17.06
SE MSE B 215 -1.54 18.68 16.63
CE MSE B 215 -2.25 19.53 18.24
N GLU B 216 -0.06 14.61 18.23
CA GLU B 216 0.36 13.22 17.97
C GLU B 216 -0.24 12.66 16.66
N PHE B 217 0.58 11.97 15.86
CA PHE B 217 0.14 11.38 14.59
C PHE B 217 -1.08 10.51 14.82
N GLN B 218 -1.79 10.20 13.73
CA GLN B 218 -3.05 9.49 13.81
C GLN B 218 -2.94 8.07 13.21
N VAL B 219 -2.98 7.05 14.06
CA VAL B 219 -2.72 5.69 13.62
C VAL B 219 -3.93 4.78 13.83
N LYS B 220 -3.89 3.57 13.28
CA LYS B 220 -4.93 2.58 13.55
C LYS B 220 -4.62 1.81 14.82
N ASN B 221 -5.48 1.94 15.82
CA ASN B 221 -5.22 1.40 17.15
C ASN B 221 -4.64 -0.02 17.15
N VAL B 222 -3.52 -0.16 17.85
CA VAL B 222 -2.76 -1.40 17.91
C VAL B 222 -3.25 -2.31 19.06
N PRO B 223 -4.14 -3.29 18.74
CA PRO B 223 -4.61 -4.25 19.77
C PRO B 223 -3.39 -4.98 20.37
N SER B 224 -2.87 -5.99 19.69
CA SER B 224 -1.58 -6.60 20.08
C SER B 224 -0.50 -6.33 19.06
N GLU B 225 0.74 -6.32 19.51
CA GLU B 225 1.86 -6.10 18.61
C GLU B 225 2.09 -7.31 17.67
N ARG B 226 1.24 -8.32 17.81
CA ARG B 226 1.33 -9.51 16.96
C ARG B 226 0.45 -9.31 15.78
N ILE B 227 -0.73 -8.76 16.03
CA ILE B 227 -1.67 -8.49 14.96
C ILE B 227 -1.06 -7.41 14.08
N ALA B 228 -0.58 -6.35 14.70
CA ALA B 228 0.14 -5.34 13.98
C ALA B 228 1.19 -5.98 13.03
N THR B 229 1.79 -7.08 13.45
CA THR B 229 2.72 -7.80 12.58
C THR B 229 1.89 -8.40 11.46
N GLN B 230 0.94 -9.25 11.81
CA GLN B 230 0.17 -9.97 10.81
C GLN B 230 -0.41 -9.02 9.77
N LYS B 231 -0.89 -7.87 10.23
CA LYS B 231 -1.38 -6.83 9.32
C LYS B 231 -0.24 -6.40 8.38
N ILE B 232 0.69 -5.62 8.92
CA ILE B 232 1.82 -5.14 8.15
C ILE B 232 2.28 -6.12 7.12
N LEU B 233 2.57 -7.34 7.56
CA LEU B 233 3.07 -8.38 6.66
C LEU B 233 2.08 -8.69 5.55
N SER B 234 0.79 -8.69 5.91
CA SER B 234 -0.29 -8.93 4.94
C SER B 234 -0.34 -7.92 3.81
N VAL B 235 -0.03 -6.66 4.12
CA VAL B 235 -0.10 -5.62 3.11
C VAL B 235 1.14 -5.62 2.22
N LEU B 236 2.30 -5.58 2.86
CA LEU B 236 3.54 -5.79 2.13
C LEU B 236 3.39 -7.00 1.24
N GLY B 237 2.90 -8.09 1.84
CA GLY B 237 2.64 -9.30 1.09
C GLY B 237 1.81 -9.06 -0.15
N GLU B 238 0.74 -8.28 0.01
CA GLU B 238 -0.20 -8.03 -1.08
C GLU B 238 0.46 -7.20 -2.17
N CYS B 239 1.33 -6.29 -1.75
CA CYS B 239 2.05 -5.40 -2.65
C CYS B 239 3.09 -6.13 -3.48
N LEU B 240 4.00 -6.82 -2.79
CA LEU B 240 4.92 -7.72 -3.47
C LEU B 240 4.23 -8.52 -4.57
N ASP B 241 3.16 -9.22 -4.20
CA ASP B 241 2.49 -10.16 -5.10
C ASP B 241 1.95 -9.58 -6.40
N HIS B 242 1.23 -8.44 -6.31
CA HIS B 242 0.58 -7.84 -7.48
C HIS B 242 1.48 -6.85 -8.20
N PHE B 243 2.02 -5.86 -7.49
CA PHE B 243 2.96 -4.96 -8.17
C PHE B 243 4.28 -4.76 -7.46
N GLY B 244 5.28 -5.48 -7.94
CA GLY B 244 6.60 -5.57 -7.36
C GLY B 244 7.31 -6.58 -8.24
N PRO B 245 8.28 -6.09 -9.02
CA PRO B 245 9.02 -6.87 -10.03
C PRO B 245 9.81 -8.07 -9.48
N GLY B 246 9.72 -9.18 -10.18
CA GLY B 246 10.43 -10.40 -9.79
C GLY B 246 9.67 -11.24 -8.78
N CYS B 247 9.08 -10.55 -7.83
CA CYS B 247 8.57 -11.20 -6.65
C CYS B 247 7.43 -12.13 -6.99
N VAL B 248 7.71 -13.43 -6.86
CA VAL B 248 6.77 -14.46 -7.22
C VAL B 248 6.60 -15.46 -6.09
N GLY B 249 5.96 -16.59 -6.37
CA GLY B 249 5.74 -17.59 -5.36
C GLY B 249 5.50 -16.99 -3.99
N VAL B 250 4.77 -15.88 -3.92
CA VAL B 250 4.44 -15.27 -2.63
C VAL B 250 3.46 -16.10 -1.82
N GLN B 251 3.61 -16.08 -0.50
CA GLN B 251 2.70 -16.81 0.35
C GLN B 251 2.75 -16.33 1.79
N LYS B 252 1.59 -16.13 2.40
CA LYS B 252 1.52 -15.64 3.77
C LYS B 252 1.48 -16.75 4.85
N ILE B 253 2.22 -16.57 5.92
CA ILE B 253 2.20 -17.50 7.03
C ILE B 253 2.18 -16.67 8.31
N LEU B 254 1.03 -16.07 8.59
CA LEU B 254 0.92 -15.09 9.66
C LEU B 254 0.53 -15.74 10.97
N ASN B 255 0.37 -17.05 10.94
CA ASN B 255 -0.10 -17.79 12.10
C ASN B 255 0.98 -18.58 12.81
N ALA B 256 2.18 -18.60 12.27
CA ALA B 256 3.28 -19.33 12.90
C ALA B 256 4.06 -18.41 13.85
N ARG B 257 4.34 -18.92 15.04
CA ARG B 257 4.84 -18.13 16.16
C ARG B 257 5.53 -16.83 15.78
N CYS B 258 6.48 -16.91 14.86
CA CYS B 258 7.08 -15.72 14.29
C CYS B 258 6.50 -15.57 12.90
N PRO B 259 5.43 -14.79 12.77
CA PRO B 259 4.70 -14.60 11.51
C PRO B 259 5.63 -14.19 10.38
N LEU B 260 5.45 -14.78 9.20
CA LEU B 260 6.32 -14.44 8.08
C LEU B 260 5.63 -14.54 6.73
N VAL B 261 6.29 -13.96 5.73
CA VAL B 261 5.84 -13.94 4.36
C VAL B 261 7.03 -14.39 3.52
N ARG B 262 6.86 -15.46 2.75
CA ARG B 262 7.93 -15.97 1.89
C ARG B 262 7.55 -15.78 0.45
N PHE B 263 8.51 -15.32 -0.34
CA PHE B 263 8.31 -15.28 -1.77
C PHE B 263 9.58 -15.76 -2.48
N SER B 264 9.72 -15.36 -3.74
CA SER B 264 10.88 -15.72 -4.54
C SER B 264 11.12 -14.59 -5.50
N HIS B 265 12.37 -14.16 -5.59
CA HIS B 265 12.74 -13.08 -6.51
C HIS B 265 13.32 -13.74 -7.74
N GLN B 266 12.76 -13.46 -8.91
CA GLN B 266 13.17 -14.19 -10.09
C GLN B 266 14.58 -13.83 -10.50
N ALA B 267 14.90 -12.55 -10.36
CA ALA B 267 16.18 -12.04 -10.83
C ALA B 267 17.41 -12.63 -10.14
N SER B 268 17.20 -13.52 -9.17
CA SER B 268 18.31 -13.96 -8.32
C SER B 268 18.17 -15.38 -7.81
N GLY B 269 16.99 -15.97 -7.92
CA GLY B 269 16.80 -17.34 -7.47
C GLY B 269 16.82 -17.59 -5.97
N PHE B 270 16.72 -16.51 -5.17
CA PHE B 270 16.72 -16.63 -3.71
C PHE B 270 15.37 -17.01 -3.22
N GLN B 271 15.34 -18.04 -2.38
CA GLN B 271 14.18 -18.29 -1.56
C GLN B 271 14.25 -17.26 -0.44
N CYS B 272 13.36 -16.27 -0.44
CA CYS B 272 13.36 -15.24 0.61
C CYS B 272 12.17 -15.29 1.56
N ALA B 273 12.35 -14.71 2.73
CA ALA B 273 11.32 -14.74 3.74
C ALA B 273 11.48 -13.46 4.55
N LEU B 274 10.36 -12.86 4.94
CA LEU B 274 10.41 -11.57 5.62
C LEU B 274 9.63 -11.63 6.92
N THR B 275 10.13 -10.93 7.93
CA THR B 275 9.42 -10.86 9.20
C THR B 275 9.57 -9.44 9.73
N THR B 276 8.91 -9.10 10.83
CA THR B 276 8.87 -7.72 11.23
C THR B 276 9.36 -7.42 12.62
N ASN B 277 8.72 -8.02 13.61
CA ASN B 277 9.07 -7.68 14.98
C ASN B 277 9.81 -8.78 15.69
N ASN B 278 11.13 -8.63 15.73
CA ASN B 278 12.01 -9.57 16.38
C ASN B 278 13.47 -9.16 16.14
N ARG B 279 14.03 -8.42 17.09
CA ARG B 279 15.44 -8.07 17.02
C ARG B 279 16.27 -9.23 17.57
N ILE B 280 15.61 -10.37 17.79
CA ILE B 280 16.25 -11.57 18.35
C ILE B 280 17.11 -12.31 17.32
N ALA B 281 16.69 -12.21 16.07
CA ALA B 281 17.39 -12.89 14.98
C ALA B 281 18.69 -12.16 14.63
N LEU B 282 18.67 -10.84 14.71
CA LEU B 282 19.88 -10.07 14.50
C LEU B 282 20.83 -10.24 15.68
N THR B 283 20.32 -10.80 16.77
CA THR B 283 21.14 -11.02 17.94
C THR B 283 21.63 -12.46 17.97
N SER B 284 20.83 -13.37 17.43
CA SER B 284 21.30 -14.73 17.20
C SER B 284 22.40 -14.74 16.13
N SER B 285 22.27 -13.87 15.13
CA SER B 285 23.18 -13.84 13.99
C SER B 285 24.46 -13.04 14.26
N GLU B 286 24.46 -12.28 15.36
CA GLU B 286 25.66 -11.56 15.75
C GLU B 286 26.53 -12.53 16.54
N LEU B 287 25.89 -13.35 17.37
CA LEU B 287 26.61 -14.37 18.10
C LEU B 287 27.44 -15.14 17.08
N LEU B 288 26.83 -16.12 16.42
CA LEU B 288 27.55 -16.92 15.44
C LEU B 288 28.52 -16.10 14.62
N TYR B 289 28.19 -14.84 14.35
CA TYR B 289 29.09 -14.04 13.54
C TYR B 289 30.41 -14.00 14.23
N ILE B 290 30.35 -13.56 15.47
CA ILE B 290 31.52 -13.43 16.35
C ILE B 290 32.20 -14.78 16.58
N TYR B 291 31.48 -15.90 16.45
CA TYR B 291 32.12 -17.20 16.55
C TYR B 291 32.79 -17.64 15.26
N GLY B 292 32.11 -17.48 14.13
CA GLY B 292 32.68 -17.85 12.84
C GLY B 292 33.92 -17.07 12.50
N ALA B 293 33.99 -15.86 13.01
CA ALA B 293 35.13 -15.01 12.70
C ALA B 293 36.08 -14.91 13.88
N LEU B 294 35.75 -15.61 14.96
CA LEU B 294 36.63 -15.63 16.11
C LEU B 294 37.80 -16.57 15.86
N ASP B 295 37.60 -17.51 14.95
CA ASP B 295 38.64 -18.46 14.62
C ASP B 295 38.31 -19.35 13.40
N SER B 296 39.27 -19.41 12.47
CA SER B 296 39.05 -20.02 11.18
C SER B 296 38.32 -21.35 11.28
N ARG B 297 38.89 -22.22 12.09
CA ARG B 297 38.39 -23.58 12.23
C ARG B 297 36.92 -23.70 12.57
N VAL B 298 36.35 -22.70 13.24
CA VAL B 298 34.95 -22.75 13.61
C VAL B 298 34.11 -22.90 12.35
N ARG B 299 34.37 -22.03 11.38
CA ARG B 299 33.64 -22.11 10.12
C ARG B 299 33.92 -23.46 9.44
N ALA B 300 35.19 -23.83 9.37
CA ALA B 300 35.55 -25.11 8.79
C ALA B 300 34.82 -26.30 9.39
N LEU B 301 34.73 -26.36 10.71
CA LEU B 301 34.17 -27.52 11.41
C LEU B 301 32.65 -27.65 11.27
N VAL B 302 31.94 -26.53 11.25
CA VAL B 302 30.48 -26.61 11.18
C VAL B 302 30.10 -26.99 9.79
N PHE B 303 30.78 -26.39 8.81
CA PHE B 303 30.46 -26.63 7.40
C PHE B 303 30.55 -28.09 7.06
N SER B 304 31.43 -28.81 7.75
CA SER B 304 31.63 -30.22 7.43
C SER B 304 30.69 -31.11 8.24
N VAL B 305 30.47 -30.78 9.50
CA VAL B 305 29.56 -31.57 10.32
C VAL B 305 28.18 -31.51 9.70
N ARG B 306 27.76 -30.32 9.33
CA ARG B 306 26.46 -30.16 8.68
C ARG B 306 26.39 -31.07 7.46
N CYS B 307 27.35 -30.91 6.55
CA CYS B 307 27.43 -31.70 5.33
C CYS B 307 27.40 -33.20 5.62
N TRP B 308 28.17 -33.61 6.62
CA TRP B 308 28.14 -34.97 7.13
C TRP B 308 26.71 -35.31 7.49
N ALA B 309 26.13 -34.47 8.34
CA ALA B 309 24.76 -34.66 8.85
C ALA B 309 23.71 -34.79 7.74
N ARG B 310 23.70 -33.84 6.81
CA ARG B 310 22.86 -33.92 5.61
C ARG B 310 23.06 -35.26 4.90
N ALA B 311 24.29 -35.53 4.49
CA ALA B 311 24.61 -36.76 3.77
C ALA B 311 23.80 -37.95 4.29
N HIS B 312 23.68 -38.07 5.60
CA HIS B 312 22.89 -39.17 6.15
C HIS B 312 21.51 -38.71 6.65
N TRP B 322 13.12 -33.64 13.61
CA TRP B 322 14.40 -34.35 13.61
C TRP B 322 15.40 -33.70 14.56
N ILE B 323 16.50 -33.23 13.97
CA ILE B 323 17.51 -32.43 14.64
C ILE B 323 17.99 -31.40 13.60
N THR B 324 17.98 -30.14 13.98
CA THR B 324 18.15 -29.05 13.02
C THR B 324 19.60 -28.57 12.83
N ASN B 325 19.89 -28.08 11.63
CA ASN B 325 21.21 -27.53 11.31
C ASN B 325 21.73 -26.56 12.36
N PHE B 326 20.81 -25.96 13.11
CA PHE B 326 21.17 -25.04 14.19
C PHE B 326 21.56 -25.81 15.46
N SER B 327 20.88 -26.92 15.72
CA SER B 327 21.26 -27.82 16.81
C SER B 327 22.73 -28.15 16.70
N LEU B 328 23.10 -28.80 15.59
CA LEU B 328 24.48 -29.20 15.35
C LEU B 328 25.44 -28.05 15.62
N THR B 329 25.32 -27.02 14.78
CA THR B 329 26.18 -25.87 14.89
C THR B 329 26.48 -25.61 16.38
N MSE B 330 25.43 -25.51 17.20
CA MSE B 330 25.58 -25.30 18.65
C MSE B 330 26.58 -26.28 19.20
O MSE B 330 27.68 -25.91 19.59
CB MSE B 330 24.27 -25.50 19.39
CG MSE B 330 23.24 -24.39 19.22
SE MSE B 330 23.70 -22.70 20.11
CE MSE B 330 24.57 -21.82 18.61
N MSE B 331 26.18 -27.54 19.24
CA MSE B 331 27.03 -28.59 19.75
C MSE B 331 28.47 -28.38 19.28
O MSE B 331 29.42 -28.69 20.01
CB MSE B 331 26.55 -29.93 19.26
CG MSE B 331 25.07 -30.10 19.33
SE MSE B 331 24.57 -31.82 18.59
CE MSE B 331 25.09 -32.96 20.06
N VAL B 332 28.64 -27.83 18.08
CA VAL B 332 29.97 -27.60 17.57
C VAL B 332 30.67 -26.40 18.20
N ILE B 333 29.97 -25.30 18.39
CA ILE B 333 30.61 -24.20 19.11
C ILE B 333 30.83 -24.71 20.50
N PHE B 334 29.91 -25.55 20.96
CA PHE B 334 30.03 -26.14 22.28
C PHE B 334 31.33 -26.93 22.36
N PHE B 335 31.37 -28.02 21.62
CA PHE B 335 32.53 -28.89 21.57
C PHE B 335 33.82 -28.09 21.52
N LEU B 336 33.76 -26.91 20.92
CA LEU B 336 34.93 -26.04 20.78
C LEU B 336 35.32 -25.31 22.05
N GLN B 337 34.35 -24.99 22.89
CA GLN B 337 34.64 -24.40 24.19
C GLN B 337 35.15 -25.45 25.19
N ARG B 338 34.49 -26.61 25.22
CA ARG B 338 34.88 -27.68 26.13
C ARG B 338 36.17 -28.35 25.69
N ARG B 339 37.19 -27.53 25.43
CA ARG B 339 38.48 -27.97 24.94
C ARG B 339 39.51 -27.10 25.60
N SER B 340 40.37 -26.57 24.75
CA SER B 340 41.17 -25.36 24.92
C SER B 340 42.63 -25.59 24.89
N GLN B 380 45.34 -20.07 23.37
CA GLN B 380 45.81 -20.66 22.14
C GLN B 380 45.49 -22.16 22.10
N ASN B 381 45.41 -22.70 20.89
CA ASN B 381 45.02 -24.09 20.68
C ASN B 381 45.38 -24.52 19.25
N THR B 382 46.48 -25.24 19.11
CA THR B 382 47.02 -25.63 17.81
C THR B 382 46.34 -26.82 17.14
N GLU B 383 45.49 -27.54 17.86
CA GLU B 383 44.79 -28.70 17.30
C GLU B 383 44.48 -28.56 15.78
N THR B 384 44.48 -29.68 15.08
CA THR B 384 44.23 -29.64 13.65
C THR B 384 42.77 -29.96 13.37
N LEU B 385 42.27 -29.56 12.20
CA LEU B 385 40.91 -29.92 11.80
C LEU B 385 40.77 -31.43 11.82
N GLU B 386 41.85 -32.12 11.44
CA GLU B 386 41.86 -33.58 11.42
C GLU B 386 41.62 -34.14 12.80
N LEU B 387 42.44 -33.71 13.75
CA LEU B 387 42.27 -34.11 15.13
C LEU B 387 40.92 -33.65 15.69
N LEU B 388 40.59 -32.37 15.48
CA LEU B 388 39.40 -31.72 16.03
C LEU B 388 38.16 -32.44 15.59
N LEU B 389 38.10 -32.74 14.29
CA LEU B 389 36.93 -33.40 13.71
C LEU B 389 36.71 -34.73 14.39
N LYS B 390 37.77 -35.52 14.43
CA LYS B 390 37.78 -36.84 15.07
C LYS B 390 37.36 -36.78 16.53
N GLU B 391 37.85 -35.78 17.24
CA GLU B 391 37.44 -35.60 18.63
C GLU B 391 36.00 -35.12 18.74
N PHE B 392 35.43 -34.63 17.65
CA PHE B 392 34.04 -34.21 17.67
C PHE B 392 33.18 -35.44 17.94
N PHE B 393 33.41 -36.48 17.17
CA PHE B 393 32.58 -37.67 17.25
C PHE B 393 32.85 -38.42 18.54
N GLU B 394 34.12 -38.49 18.88
CA GLU B 394 34.56 -39.16 20.08
C GLU B 394 33.90 -38.53 21.30
N TYR B 395 33.64 -37.24 21.21
CA TYR B 395 33.11 -36.51 22.35
C TYR B 395 31.63 -36.75 22.53
N PHE B 396 30.92 -36.90 21.42
CA PHE B 396 29.48 -37.11 21.47
C PHE B 396 29.13 -38.60 21.41
N GLY B 397 30.10 -39.44 21.74
CA GLY B 397 29.82 -40.86 21.90
C GLY B 397 28.95 -41.14 23.11
N ASN B 398 28.96 -40.21 24.08
CA ASN B 398 28.05 -40.29 25.24
C ASN B 398 27.25 -38.99 25.43
N UNK B 406 11.33 -32.58 18.83
CA UNK B 406 12.04 -32.55 20.11
C UNK B 406 12.26 -31.12 20.58
N UNK B 407 13.50 -30.62 20.50
CA UNK B 407 13.77 -29.19 20.74
C UNK B 407 15.24 -28.77 20.73
N UNK B 408 15.48 -27.60 20.13
CA UNK B 408 16.75 -26.87 20.27
C UNK B 408 16.54 -25.94 21.44
N UNK B 409 15.80 -26.44 22.41
CA UNK B 409 15.40 -25.68 23.59
C UNK B 409 15.32 -26.61 24.79
N UNK B 410 15.26 -27.91 24.52
CA UNK B 410 15.21 -28.90 25.59
C UNK B 410 16.60 -29.45 25.87
N UNK B 411 17.18 -30.13 24.88
CA UNK B 411 18.50 -30.72 25.03
C UNK B 411 19.64 -29.76 24.59
N UNK B 412 19.48 -28.47 24.85
CA UNK B 412 20.47 -27.43 24.51
C UNK B 412 19.91 -26.00 24.71
N UNK B 413 20.56 -25.22 25.58
CA UNK B 413 20.04 -23.91 26.02
C UNK B 413 19.90 -22.87 24.90
N UNK B 414 18.78 -22.13 24.93
CA UNK B 414 18.45 -21.11 23.90
C UNK B 414 19.50 -19.99 23.80
N UNK B 415 20.75 -20.41 23.58
CA UNK B 415 21.92 -19.54 23.46
C UNK B 415 21.94 -18.45 24.52
N SER B 417 13.40 -36.38 18.65
CA SER B 417 12.99 -37.75 18.36
C SER B 417 14.02 -38.77 18.84
N GLN B 418 13.59 -39.66 19.74
CA GLN B 418 14.47 -40.65 20.37
C GLN B 418 15.29 -41.50 19.40
N SER B 419 14.59 -42.13 18.46
CA SER B 419 15.23 -42.97 17.46
C SER B 419 16.32 -42.17 16.73
N GLN B 420 16.03 -40.89 16.47
CA GLN B 420 16.95 -40.00 15.73
C GLN B 420 18.28 -39.75 16.46
N LEU B 421 18.20 -39.13 17.63
CA LEU B 421 19.40 -38.87 18.40
C LEU B 421 20.31 -40.10 18.49
N GLN B 422 19.75 -41.28 18.68
CA GLN B 422 20.58 -42.47 18.71
C GLN B 422 21.36 -42.58 17.42
N LYS B 423 20.65 -42.76 16.31
CA LYS B 423 21.29 -42.98 15.01
C LYS B 423 22.36 -41.93 14.76
N PHE B 424 22.24 -40.81 15.47
CA PHE B 424 23.24 -39.74 15.46
C PHE B 424 24.50 -40.19 16.16
N VAL B 425 24.37 -40.67 17.39
CA VAL B 425 25.54 -41.19 18.10
C VAL B 425 26.09 -42.43 17.38
N ASP B 426 25.19 -43.26 16.83
CA ASP B 426 25.57 -44.38 15.99
C ASP B 426 26.56 -43.83 15.01
N LEU B 427 26.07 -43.00 14.11
CA LEU B 427 26.89 -42.31 13.12
C LEU B 427 28.12 -41.71 13.79
N ALA B 428 27.89 -40.97 14.87
CA ALA B 428 28.98 -40.34 15.61
C ALA B 428 30.08 -41.35 15.93
N ARG B 429 29.69 -42.44 16.56
CA ARG B 429 30.63 -43.45 17.00
C ARG B 429 31.31 -44.15 15.83
N GLU B 430 30.58 -44.33 14.72
CA GLU B 430 31.15 -44.96 13.53
C GLU B 430 32.08 -43.99 12.81
N SER B 431 31.64 -42.74 12.67
CA SER B 431 32.41 -41.75 11.95
C SER B 431 33.68 -41.49 12.72
N ALA B 432 33.68 -41.94 13.97
CA ALA B 432 34.86 -41.89 14.79
C ALA B 432 35.85 -42.91 14.27
N TRP B 433 35.44 -44.18 14.26
CA TRP B 433 36.40 -45.24 13.95
C TRP B 433 37.08 -45.15 12.59
N ILE B 434 36.32 -44.76 11.59
CA ILE B 434 36.89 -44.51 10.29
C ILE B 434 38.14 -43.64 10.39
N LEU B 435 38.05 -42.52 11.09
CA LEU B 435 39.21 -41.65 11.25
C LEU B 435 40.24 -42.26 12.17
N GLN B 436 39.82 -43.24 12.97
CA GLN B 436 40.73 -43.94 13.89
C GLN B 436 41.72 -44.78 13.11
N GLN B 437 41.18 -45.65 12.27
CA GLN B 437 42.01 -46.38 11.34
C GLN B 437 42.81 -45.33 10.64
N GLU B 438 42.12 -44.48 9.90
CA GLU B 438 42.79 -43.39 9.21
C GLU B 438 44.16 -43.16 9.82
N ASP B 439 44.20 -42.68 11.06
CA ASP B 439 45.50 -42.41 11.67
C ASP B 439 46.26 -43.67 12.08
N THR B 440 45.59 -44.60 12.74
CA THR B 440 46.24 -45.80 13.20
C THR B 440 46.96 -46.56 12.09
N ASP B 441 46.22 -47.01 11.08
CA ASP B 441 46.85 -47.71 9.95
C ASP B 441 47.87 -46.79 9.28
N SER B 446 46.91 -43.42 0.87
CA SER B 446 45.75 -42.61 0.48
C SER B 446 45.82 -42.11 -0.99
N SER B 447 44.70 -42.16 -1.72
CA SER B 447 44.69 -41.84 -3.16
C SER B 447 43.47 -41.05 -3.69
N ASN B 448 42.95 -41.44 -4.85
CA ASN B 448 41.73 -40.86 -5.43
C ASN B 448 40.62 -41.89 -5.42
N ARG B 449 40.42 -42.47 -4.24
CA ARG B 449 39.26 -43.28 -3.93
C ARG B 449 39.10 -43.15 -2.42
N PRO B 450 37.85 -42.87 -1.99
CA PRO B 450 37.44 -42.44 -0.64
C PRO B 450 38.56 -42.37 0.39
N TRP B 451 38.71 -41.21 1.02
CA TRP B 451 39.65 -41.06 2.13
C TRP B 451 39.43 -39.81 2.97
N GLY B 452 39.91 -39.90 4.20
CA GLY B 452 39.70 -38.85 5.19
C GLY B 452 38.23 -38.50 5.31
N LEU B 453 37.93 -37.27 4.94
CA LEU B 453 36.57 -36.80 5.08
C LEU B 453 35.64 -37.64 4.22
N VAL B 454 35.85 -37.62 2.91
CA VAL B 454 35.03 -38.34 1.95
C VAL B 454 34.55 -39.73 2.42
N SER B 455 35.35 -40.40 3.24
CA SER B 455 34.90 -41.67 3.78
C SER B 455 33.70 -41.44 4.66
N LEU B 456 33.64 -40.25 5.26
CA LEU B 456 32.59 -39.89 6.21
C LEU B 456 31.33 -39.33 5.54
N LEU B 457 31.42 -39.05 4.24
CA LEU B 457 30.30 -38.54 3.46
C LEU B 457 29.82 -39.58 2.44
N LEU B 458 29.38 -40.74 2.94
CA LEU B 458 29.06 -41.88 2.09
C LEU B 458 27.88 -42.72 2.59
#